data_4M38
#
_entry.id   4M38
#
_cell.length_a   66.696
_cell.length_b   72.764
_cell.length_c   72.565
_cell.angle_alpha   90.00
_cell.angle_beta   110.94
_cell.angle_gamma   90.00
#
_symmetry.space_group_name_H-M   'P 1 21 1'
#
loop_
_entity.id
_entity.type
_entity.pdbx_description
1 polymer 'Protein arginine N-methyltransferase 7'
2 polymer 'Histone H4'
3 non-polymer S-ADENOSYL-L-HOMOCYSTEINE
4 water water
#
loop_
_entity_poly.entity_id
_entity_poly.type
_entity_poly.pdbx_seq_one_letter_code
_entity_poly.pdbx_strand_id
1 'polypeptide(L)'
;GYRPPDAFVNRIDRNIPVPARLRHTPVSLIEAVNDFHYAMMNDEERNNFYYEVLKKHVTPETGVLEIGAGSGLLSLMAAK
LGAKWVVAVEGSEELAKLARENIRANNMEHQVKVLHMMSTELKSKHLPEPPDVLLSEIFGTMMLGESALDYVVDVRNRLL
KPTTKIIPQFGTQYAVPIECDALHRISSVSGWRDLDLKHMMTLQDTVSIVFAKHYGIRMNSVNFRRLSDPIELFRVDFSS
SNRNDIPRRKHFDVVAKESGTAHAMLFYWKVTDDEFVMSTDPEDTVNNFPRDMQWGQALQLLDASNGPLPTPVVFTEGKN
YNFECNFSGDRVILHMQLCPESG
;
A,B
2 'polypeptide(L)' SGRGKGGKGLGKGGAKRHRKV E,F
#
# COMPACT_ATOMS: atom_id res chain seq x y z
N ASP A 6 -13.12 -17.35 4.36
CA ASP A 6 -12.80 -17.06 2.97
C ASP A 6 -11.43 -17.64 2.63
N ALA A 7 -11.38 -18.96 2.43
CA ALA A 7 -10.12 -19.68 2.29
C ALA A 7 -9.19 -19.18 1.18
N PHE A 8 -7.89 -19.08 1.51
CA PHE A 8 -6.87 -18.58 0.61
C PHE A 8 -6.85 -19.31 -0.72
N VAL A 9 -7.05 -20.62 -0.71
CA VAL A 9 -6.94 -21.45 -1.91
C VAL A 9 -8.09 -21.19 -2.89
N ASN A 10 -9.23 -20.76 -2.36
CA ASN A 10 -10.41 -20.41 -3.14
C ASN A 10 -10.32 -19.01 -3.76
N ARG A 11 -9.27 -18.28 -3.40
CA ARG A 11 -9.05 -16.93 -3.93
C ARG A 11 -7.89 -16.91 -4.92
N ILE A 12 -7.43 -18.10 -5.31
CA ILE A 12 -6.24 -18.23 -6.15
C ILE A 12 -6.53 -19.08 -7.38
N ASP A 13 -6.07 -18.63 -8.54
CA ASP A 13 -6.24 -19.36 -9.80
C ASP A 13 -5.81 -20.82 -9.62
N ARG A 14 -6.50 -21.73 -10.31
CA ARG A 14 -6.27 -23.16 -10.11
C ARG A 14 -4.93 -23.68 -10.64
N ASN A 15 -4.34 -22.97 -11.61
CA ASN A 15 -3.05 -23.39 -12.17
C ASN A 15 -1.87 -23.07 -11.23
N ILE A 16 -2.12 -22.25 -10.21
CA ILE A 16 -1.06 -21.84 -9.29
C ILE A 16 -1.06 -22.68 -8.00
N PRO A 17 0.06 -23.37 -7.72
CA PRO A 17 0.27 -24.19 -6.52
C PRO A 17 0.10 -23.41 -5.23
N VAL A 18 -0.60 -23.99 -4.27
CA VAL A 18 -0.74 -23.42 -2.94
C VAL A 18 -0.32 -24.48 -1.91
N PRO A 19 0.73 -24.20 -1.13
CA PRO A 19 1.17 -25.14 -0.09
C PRO A 19 0.11 -25.40 0.99
N ALA A 20 0.15 -26.61 1.58
CA ALA A 20 -0.88 -27.03 2.53
C ALA A 20 -1.07 -26.06 3.71
N ARG A 21 0.04 -25.52 4.21
CA ARG A 21 0.02 -24.61 5.36
C ARG A 21 -0.83 -23.35 5.13
N LEU A 22 -1.11 -23.05 3.87
CA LEU A 22 -1.82 -21.84 3.50
C LEU A 22 -3.27 -22.07 3.08
N ARG A 23 -3.56 -23.27 2.59
CA ARG A 23 -4.77 -23.53 1.81
C ARG A 23 -6.07 -23.07 2.46
N HIS A 24 -6.24 -23.43 3.73
CA HIS A 24 -7.52 -23.25 4.40
C HIS A 24 -7.61 -22.02 5.30
N THR A 25 -6.54 -21.23 5.36
CA THR A 25 -6.54 -20.07 6.25
C THR A 25 -7.22 -18.88 5.55
N PRO A 26 -7.97 -18.06 6.31
CA PRO A 26 -8.63 -16.87 5.76
C PRO A 26 -7.67 -15.96 4.99
N VAL A 27 -8.09 -15.51 3.81
CA VAL A 27 -7.27 -14.65 2.98
C VAL A 27 -6.95 -13.30 3.67
N SER A 28 -7.91 -12.79 4.45
CA SER A 28 -7.75 -11.52 5.16
C SER A 28 -6.69 -11.65 6.26
N LEU A 29 -6.61 -12.84 6.87
CA LEU A 29 -5.59 -13.09 7.88
C LEU A 29 -4.20 -13.12 7.26
N ILE A 30 -4.06 -13.86 6.17
CA ILE A 30 -2.81 -13.95 5.42
C ILE A 30 -2.35 -12.54 5.04
N GLU A 31 -3.26 -11.73 4.53
CA GLU A 31 -2.96 -10.36 4.11
C GLU A 31 -2.46 -9.50 5.27
N ALA A 32 -3.19 -9.50 6.38
CA ALA A 32 -2.81 -8.70 7.54
C ALA A 32 -1.45 -9.13 8.09
N VAL A 33 -1.27 -10.44 8.26
CA VAL A 33 -0.03 -10.98 8.83
C VAL A 33 1.16 -10.58 7.97
N ASN A 34 1.01 -10.73 6.65
CA ASN A 34 2.11 -10.43 5.73
C ASN A 34 2.34 -8.93 5.48
N ASP A 35 1.35 -8.10 5.75
CA ASP A 35 1.52 -6.64 5.66
C ASP A 35 2.26 -6.06 6.89
N PHE A 36 1.82 -6.40 8.09
CA PHE A 36 2.43 -5.76 9.28
C PHE A 36 2.84 -6.63 10.47
N HIS A 37 2.40 -7.89 10.55
CA HIS A 37 2.71 -8.66 11.75
C HIS A 37 4.20 -8.93 11.88
N TYR A 38 4.86 -9.21 10.77
CA TYR A 38 6.28 -9.50 10.82
C TYR A 38 7.05 -8.25 11.22
N ALA A 39 6.72 -7.12 10.60
CA ALA A 39 7.35 -5.85 10.96
C ALA A 39 7.17 -5.54 12.44
N MET A 40 5.94 -5.74 12.92
CA MET A 40 5.56 -5.49 14.30
C MET A 40 6.42 -6.34 15.24
N MET A 41 6.51 -7.64 14.95
CA MET A 41 7.29 -8.54 15.80
C MET A 41 8.79 -8.19 15.77
N ASN A 42 9.23 -7.58 14.67
CA ASN A 42 10.64 -7.18 14.55
C ASN A 42 10.94 -5.74 14.98
N ASP A 43 9.94 -5.07 15.55
CA ASP A 43 10.12 -3.74 16.12
C ASP A 43 10.75 -3.98 17.49
N GLU A 44 12.09 -4.04 17.53
CA GLU A 44 12.81 -4.38 18.76
C GLU A 44 12.51 -3.41 19.89
N GLU A 45 12.33 -2.12 19.56
CA GLU A 45 12.10 -1.07 20.56
C GLU A 45 10.69 -1.12 21.14
N ARG A 46 9.73 -1.52 20.31
CA ARG A 46 8.37 -1.77 20.79
C ARG A 46 8.39 -2.92 21.77
N ASN A 47 9.04 -4.01 21.38
CA ASN A 47 9.21 -5.15 22.27
C ASN A 47 9.93 -4.77 23.56
N ASN A 48 11.00 -3.97 23.45
CA ASN A 48 11.75 -3.52 24.64
C ASN A 48 10.88 -2.64 25.55
N PHE A 49 10.10 -1.74 24.96
CA PHE A 49 9.15 -0.93 25.72
C PHE A 49 8.24 -1.79 26.61
N TYR A 50 7.58 -2.78 26.00
CA TYR A 50 6.70 -3.64 26.77
C TYR A 50 7.45 -4.40 27.87
N TYR A 51 8.63 -4.90 27.55
CA TYR A 51 9.38 -5.70 28.50
C TYR A 51 9.74 -4.88 29.73
N GLU A 52 10.25 -3.67 29.49
CA GLU A 52 10.69 -2.81 30.57
C GLU A 52 9.54 -2.32 31.45
N VAL A 53 8.39 -2.02 30.85
CA VAL A 53 7.24 -1.58 31.65
C VAL A 53 6.70 -2.75 32.48
N LEU A 54 6.55 -3.91 31.84
CA LEU A 54 6.10 -5.12 32.52
C LEU A 54 7.04 -5.53 33.65
N LYS A 55 8.34 -5.36 33.42
CA LYS A 55 9.33 -5.72 34.42
C LYS A 55 9.11 -4.97 35.73
N LYS A 56 8.51 -3.78 35.67
CA LYS A 56 8.29 -2.97 36.87
C LYS A 56 7.09 -3.43 37.70
N HIS A 57 6.22 -4.24 37.10
CA HIS A 57 4.92 -4.56 37.72
C HIS A 57 4.68 -6.04 37.93
N VAL A 58 5.43 -6.89 37.23
CA VAL A 58 5.20 -8.33 37.29
C VAL A 58 6.00 -8.99 38.43
N THR A 59 5.28 -9.65 39.33
CA THR A 59 5.88 -10.35 40.44
C THR A 59 5.26 -11.75 40.39
N PRO A 60 5.81 -12.71 41.15
CA PRO A 60 5.19 -14.04 41.09
C PRO A 60 3.76 -14.08 41.61
N GLU A 61 3.26 -13.00 42.20
CA GLU A 61 1.88 -12.97 42.68
C GLU A 61 0.88 -12.35 41.70
N THR A 62 1.36 -11.77 40.59
CA THR A 62 0.46 -11.00 39.74
C THR A 62 -0.09 -11.76 38.53
N GLY A 63 -1.41 -11.68 38.35
CA GLY A 63 -2.09 -12.25 37.19
C GLY A 63 -2.08 -11.20 36.10
N VAL A 64 -2.00 -11.66 34.85
CA VAL A 64 -1.89 -10.75 33.72
C VAL A 64 -2.92 -11.14 32.67
N LEU A 65 -3.69 -10.16 32.21
CA LEU A 65 -4.62 -10.40 31.11
C LEU A 65 -4.12 -9.60 29.91
N GLU A 66 -3.99 -10.28 28.76
CA GLU A 66 -3.58 -9.58 27.55
C GLU A 66 -4.68 -9.58 26.50
N ILE A 67 -4.97 -8.41 25.96
CA ILE A 67 -5.96 -8.31 24.90
C ILE A 67 -5.23 -8.36 23.58
N GLY A 68 -5.62 -9.29 22.72
CA GLY A 68 -5.04 -9.38 21.38
C GLY A 68 -3.67 -10.02 21.34
N ALA A 69 -3.65 -11.32 21.62
CA ALA A 69 -2.42 -12.11 21.75
C ALA A 69 -1.51 -12.10 20.51
N GLY A 70 -2.09 -12.16 19.32
CA GLY A 70 -1.33 -12.34 18.09
C GLY A 70 -0.40 -13.55 18.25
N SER A 71 0.90 -13.35 18.02
CA SER A 71 1.89 -14.41 18.14
C SER A 71 2.11 -14.90 19.55
N GLY A 72 1.59 -14.17 20.53
CA GLY A 72 1.73 -14.53 21.93
C GLY A 72 2.94 -13.90 22.59
N LEU A 73 3.71 -13.15 21.81
CA LEU A 73 4.96 -12.55 22.30
C LEU A 73 4.82 -11.82 23.65
N LEU A 74 3.91 -10.85 23.75
CA LEU A 74 3.77 -10.11 25.02
C LEU A 74 3.33 -11.00 26.17
N SER A 75 2.52 -12.02 25.88
CA SER A 75 2.12 -12.98 26.90
C SER A 75 3.30 -13.77 27.40
N LEU A 76 4.12 -14.23 26.45
CA LEU A 76 5.36 -14.92 26.74
C LEU A 76 6.26 -14.08 27.65
N MET A 77 6.28 -12.76 27.42
CA MET A 77 7.11 -11.84 28.22
C MET A 77 6.68 -11.82 29.69
N ALA A 78 5.37 -11.71 29.91
CA ALA A 78 4.86 -11.66 31.27
C ALA A 78 5.17 -12.96 32.02
N ALA A 79 5.01 -14.09 31.33
CA ALA A 79 5.34 -15.38 31.92
C ALA A 79 6.84 -15.48 32.19
N LYS A 80 7.66 -15.09 31.20
CA LYS A 80 9.11 -15.04 31.36
C LYS A 80 9.46 -14.24 32.61
N LEU A 81 8.72 -13.16 32.87
CA LEU A 81 8.96 -12.31 34.03
C LEU A 81 8.47 -12.92 35.35
N GLY A 82 7.84 -14.09 35.30
CA GLY A 82 7.47 -14.82 36.51
C GLY A 82 6.05 -14.59 36.98
N ALA A 83 5.18 -14.11 36.09
CA ALA A 83 3.76 -13.90 36.42
C ALA A 83 3.08 -15.15 36.99
N LYS A 84 2.14 -14.95 37.91
CA LYS A 84 1.39 -16.06 38.50
C LYS A 84 0.62 -16.79 37.39
N TRP A 85 -0.16 -16.03 36.63
CA TRP A 85 -0.87 -16.57 35.47
C TRP A 85 -1.04 -15.51 34.39
N VAL A 86 -1.18 -15.98 33.15
CA VAL A 86 -1.39 -15.08 32.04
C VAL A 86 -2.51 -15.65 31.18
N VAL A 87 -3.55 -14.84 30.97
CA VAL A 87 -4.60 -15.17 30.00
C VAL A 87 -4.54 -14.17 28.85
N ALA A 88 -4.44 -14.68 27.62
CA ALA A 88 -4.41 -13.84 26.44
C ALA A 88 -5.62 -14.18 25.60
N VAL A 89 -6.29 -13.16 25.07
CA VAL A 89 -7.43 -13.40 24.18
C VAL A 89 -7.08 -12.95 22.76
N GLU A 90 -7.59 -13.69 21.78
CA GLU A 90 -7.26 -13.44 20.40
C GLU A 90 -8.44 -13.83 19.52
N GLY A 91 -8.96 -12.86 18.78
CA GLY A 91 -10.15 -13.05 17.97
C GLY A 91 -9.98 -14.00 16.79
N SER A 92 -8.77 -14.09 16.25
CA SER A 92 -8.54 -14.97 15.10
C SER A 92 -8.27 -16.40 15.52
N GLU A 93 -9.03 -17.33 14.94
CA GLU A 93 -8.92 -18.72 15.31
C GLU A 93 -7.54 -19.28 14.99
N GLU A 94 -7.02 -18.97 13.80
CA GLU A 94 -5.71 -19.45 13.41
C GLU A 94 -4.58 -18.85 14.26
N LEU A 95 -4.55 -17.54 14.40
CA LEU A 95 -3.54 -16.92 15.27
C LEU A 95 -3.56 -17.51 16.67
N ALA A 96 -4.73 -17.87 17.17
CA ALA A 96 -4.82 -18.46 18.51
C ALA A 96 -4.11 -19.81 18.53
N LYS A 97 -4.33 -20.61 17.50
CA LYS A 97 -3.60 -21.87 17.36
C LYS A 97 -2.10 -21.61 17.34
N LEU A 98 -1.66 -20.66 16.52
CA LEU A 98 -0.23 -20.40 16.37
C LEU A 98 0.39 -19.87 17.65
N ALA A 99 -0.35 -19.04 18.39
CA ALA A 99 0.12 -18.53 19.66
C ALA A 99 0.32 -19.67 20.66
N ARG A 100 -0.59 -20.64 20.67
CA ARG A 100 -0.42 -21.80 21.56
C ARG A 100 0.78 -22.64 21.15
N GLU A 101 1.03 -22.75 19.85
CA GLU A 101 2.22 -23.46 19.38
C GLU A 101 3.49 -22.77 19.85
N ASN A 102 3.55 -21.44 19.72
CA ASN A 102 4.70 -20.66 20.19
C ASN A 102 4.91 -20.80 21.69
N ILE A 103 3.80 -20.82 22.43
CA ILE A 103 3.84 -21.01 23.88
C ILE A 103 4.49 -22.35 24.22
N ARG A 104 4.03 -23.43 23.58
CA ARG A 104 4.62 -24.74 23.82
C ARG A 104 6.10 -24.77 23.41
N ALA A 105 6.42 -24.16 22.27
CA ALA A 105 7.81 -24.10 21.80
C ALA A 105 8.71 -23.36 22.80
N ASN A 106 8.13 -22.52 23.65
CA ASN A 106 8.89 -21.84 24.68
C ASN A 106 8.70 -22.44 26.08
N ASN A 107 8.12 -23.64 26.13
CA ASN A 107 7.88 -24.36 27.39
C ASN A 107 7.11 -23.58 28.45
N MET A 108 6.23 -22.66 28.05
CA MET A 108 5.43 -21.92 29.01
C MET A 108 3.95 -22.32 29.00
N GLU A 109 3.70 -23.57 28.59
CA GLU A 109 2.34 -24.11 28.48
C GLU A 109 1.58 -24.12 29.82
N HIS A 110 2.31 -24.17 30.93
CA HIS A 110 1.69 -24.22 32.26
C HIS A 110 1.42 -22.82 32.78
N GLN A 111 1.89 -21.81 32.04
CA GLN A 111 1.78 -20.43 32.50
C GLN A 111 0.79 -19.57 31.71
N VAL A 112 0.58 -19.88 30.43
CA VAL A 112 -0.20 -18.99 29.57
C VAL A 112 -1.34 -19.74 28.89
N LYS A 113 -2.57 -19.26 29.07
CA LYS A 113 -3.72 -19.82 28.38
C LYS A 113 -4.15 -18.88 27.26
N VAL A 114 -4.36 -19.39 26.06
CA VAL A 114 -4.87 -18.53 24.99
C VAL A 114 -6.33 -18.84 24.67
N LEU A 115 -7.20 -17.84 24.80
CA LEU A 115 -8.63 -18.01 24.51
C LEU A 115 -9.02 -17.44 23.17
N HIS A 116 -9.71 -18.25 22.36
CA HIS A 116 -10.19 -17.81 21.06
C HIS A 116 -11.53 -17.11 21.22
N MET A 117 -11.51 -15.77 21.18
CA MET A 117 -12.70 -14.94 21.34
C MET A 117 -12.27 -13.49 21.29
N MET A 118 -13.21 -12.58 21.04
CA MET A 118 -12.93 -11.15 21.16
C MET A 118 -13.01 -10.76 22.63
N SER A 119 -12.29 -9.71 23.03
CA SER A 119 -12.26 -9.28 24.44
C SER A 119 -13.64 -8.89 24.99
N THR A 120 -14.55 -8.50 24.09
CA THR A 120 -15.92 -8.18 24.46
C THR A 120 -16.68 -9.43 24.91
N GLU A 121 -16.25 -10.60 24.43
CA GLU A 121 -16.91 -11.85 24.80
C GLU A 121 -16.31 -12.43 26.08
N LEU A 122 -15.21 -11.86 26.53
CA LEU A 122 -14.52 -12.30 27.73
C LEU A 122 -15.32 -11.97 28.99
N LYS A 123 -15.51 -12.96 29.85
CA LYS A 123 -16.31 -12.80 31.07
C LYS A 123 -15.49 -13.22 32.29
N SER A 124 -15.94 -12.82 33.47
CA SER A 124 -15.15 -13.03 34.68
C SER A 124 -14.90 -14.50 34.96
N LYS A 125 -15.82 -15.38 34.53
CA LYS A 125 -15.63 -16.82 34.69
C LYS A 125 -14.43 -17.41 33.92
N HIS A 126 -13.89 -16.65 32.96
CA HIS A 126 -12.75 -17.13 32.14
C HIS A 126 -11.39 -16.92 32.81
N LEU A 127 -11.37 -16.14 33.90
CA LEU A 127 -10.13 -15.80 34.59
C LEU A 127 -10.18 -16.35 36.01
N PRO A 128 -9.01 -16.63 36.60
CA PRO A 128 -9.02 -17.10 38.00
C PRO A 128 -9.57 -16.03 38.94
N GLU A 129 -9.32 -14.76 38.62
CA GLU A 129 -9.68 -13.64 39.48
C GLU A 129 -9.36 -12.39 38.65
N PRO A 130 -9.79 -11.20 39.10
CA PRO A 130 -9.38 -10.00 38.36
C PRO A 130 -7.86 -9.95 38.25
N PRO A 131 -7.35 -9.56 37.07
CA PRO A 131 -5.92 -9.49 36.83
C PRO A 131 -5.29 -8.26 37.48
N ASP A 132 -4.05 -8.40 37.91
CA ASP A 132 -3.28 -7.30 38.46
C ASP A 132 -2.76 -6.37 37.35
N VAL A 133 -2.66 -6.91 36.14
CA VAL A 133 -2.13 -6.16 35.02
C VAL A 133 -2.96 -6.41 33.77
N LEU A 134 -3.36 -5.34 33.09
CA LEU A 134 -3.91 -5.44 31.75
C LEU A 134 -2.86 -4.97 30.76
N LEU A 135 -2.63 -5.79 29.74
CA LEU A 135 -1.61 -5.51 28.75
C LEU A 135 -2.24 -5.52 27.36
N SER A 136 -1.97 -4.49 26.57
CA SER A 136 -2.39 -4.52 25.18
C SER A 136 -1.47 -3.72 24.26
N GLU A 137 -1.36 -4.21 23.03
CA GLU A 137 -0.76 -3.42 21.97
C GLU A 137 -1.69 -3.54 20.76
N ILE A 138 -2.68 -2.66 20.71
CA ILE A 138 -3.59 -2.64 19.59
C ILE A 138 -3.73 -1.20 19.11
N PHE A 139 -2.59 -0.56 18.95
CA PHE A 139 -2.56 0.79 18.39
C PHE A 139 -2.48 0.72 16.87
N GLY A 140 -3.17 1.63 16.21
CA GLY A 140 -3.06 1.73 14.76
C GLY A 140 -2.04 2.75 14.35
N THR A 141 -1.95 2.98 13.04
CA THR A 141 -1.19 4.12 12.50
C THR A 141 -1.73 5.44 13.05
N MET A 142 -3.06 5.57 13.06
CA MET A 142 -3.73 6.46 14.03
C MET A 142 -3.80 5.69 15.35
N MET A 143 -3.41 6.39 16.41
CA MET A 143 -3.31 5.77 17.72
C MET A 143 -4.56 4.98 18.08
N LEU A 144 -5.73 5.59 17.90
CA LEU A 144 -7.01 4.96 18.25
C LEU A 144 -7.61 4.24 17.06
N GLY A 145 -6.79 4.02 16.03
CA GLY A 145 -7.25 3.47 14.77
C GLY A 145 -7.75 2.03 14.79
N GLU A 146 -7.33 1.26 15.80
CA GLU A 146 -7.84 -0.09 15.97
C GLU A 146 -8.79 -0.17 17.17
N SER A 147 -9.35 0.98 17.56
CA SER A 147 -10.33 1.07 18.65
C SER A 147 -9.77 0.59 20.00
N ALA A 148 -8.51 0.93 20.25
CA ALA A 148 -7.79 0.47 21.43
C ALA A 148 -8.49 0.90 22.72
N LEU A 149 -8.98 2.12 22.72
CA LEU A 149 -9.57 2.70 23.92
C LEU A 149 -10.92 2.05 24.19
N ASP A 150 -11.69 1.79 23.13
CA ASP A 150 -13.00 1.16 23.29
C ASP A 150 -12.86 -0.25 23.90
N TYR A 151 -11.96 -1.06 23.36
CA TYR A 151 -11.71 -2.40 23.92
C TYR A 151 -11.16 -2.37 25.35
N VAL A 152 -10.25 -1.44 25.65
CA VAL A 152 -9.70 -1.34 26.99
C VAL A 152 -10.82 -0.90 27.95
N VAL A 153 -11.64 0.05 27.52
CA VAL A 153 -12.78 0.52 28.30
C VAL A 153 -13.79 -0.61 28.63
N ASP A 154 -14.17 -1.41 27.63
CA ASP A 154 -15.07 -2.55 27.89
C ASP A 154 -14.53 -3.48 28.99
N VAL A 155 -13.28 -3.92 28.84
CA VAL A 155 -12.61 -4.75 29.86
C VAL A 155 -12.54 -4.04 31.23
N ARG A 156 -12.15 -2.77 31.22
CA ARG A 156 -12.03 -1.97 32.44
C ARG A 156 -13.34 -1.88 33.21
N ASN A 157 -14.45 -1.75 32.50
CA ASN A 157 -15.76 -1.64 33.13
C ASN A 157 -16.18 -2.94 33.83
N ARG A 158 -15.72 -4.07 33.31
CA ARG A 158 -16.28 -5.36 33.70
C ARG A 158 -15.37 -6.29 34.52
N LEU A 159 -14.08 -6.36 34.19
CA LEU A 159 -13.24 -7.47 34.68
C LEU A 159 -12.10 -7.07 35.59
N LEU A 160 -11.81 -5.79 35.70
CA LEU A 160 -10.63 -5.36 36.44
C LEU A 160 -10.98 -5.02 37.89
N LYS A 161 -9.98 -4.58 38.64
CA LYS A 161 -10.18 -4.05 39.98
C LYS A 161 -9.49 -2.68 40.04
N PRO A 162 -9.73 -1.89 41.10
CA PRO A 162 -9.15 -0.55 41.17
C PRO A 162 -7.62 -0.53 41.23
N THR A 163 -6.98 -1.61 41.67
CA THR A 163 -5.50 -1.66 41.72
C THR A 163 -4.87 -2.22 40.44
N THR A 164 -5.66 -2.52 39.42
CA THR A 164 -5.08 -3.12 38.20
C THR A 164 -4.18 -2.11 37.48
N LYS A 165 -3.01 -2.56 37.04
CA LYS A 165 -2.14 -1.70 36.24
C LYS A 165 -2.43 -1.87 34.75
N ILE A 166 -2.74 -0.77 34.08
CA ILE A 166 -3.01 -0.85 32.65
C ILE A 166 -1.78 -0.41 31.85
N ILE A 167 -1.31 -1.29 30.99
CA ILE A 167 -0.12 -1.03 30.19
C ILE A 167 -0.47 -1.07 28.73
N PRO A 168 -0.16 0.01 28.01
CA PRO A 168 0.47 1.24 28.51
C PRO A 168 -0.54 2.27 29.03
N GLN A 169 -0.07 3.19 29.87
CA GLN A 169 -0.99 4.09 30.57
C GLN A 169 -1.48 5.33 29.80
N PHE A 170 -0.57 6.03 29.10
CA PHE A 170 -0.94 7.28 28.41
C PHE A 170 -0.65 7.24 26.91
N GLY A 171 -1.47 7.96 26.15
CA GLY A 171 -1.23 8.11 24.72
C GLY A 171 -1.63 9.50 24.27
N THR A 172 -0.86 10.07 23.35
CA THR A 172 -1.14 11.40 22.83
C THR A 172 -1.06 11.40 21.31
N GLN A 173 -2.08 11.97 20.65
CA GLN A 173 -2.09 12.01 19.19
C GLN A 173 -1.75 13.41 18.71
N TYR A 174 -0.83 13.50 17.74
CA TYR A 174 -0.35 14.80 17.23
C TYR A 174 -0.64 15.00 15.73
N ALA A 175 -0.63 16.27 15.31
CA ALA A 175 -0.72 16.67 13.90
C ALA A 175 0.26 17.81 13.67
N VAL A 176 0.82 17.87 12.46
CA VAL A 176 1.69 18.97 12.07
C VAL A 176 1.60 19.19 10.56
N PRO A 177 1.41 20.44 10.14
CA PRO A 177 1.30 20.72 8.70
C PRO A 177 2.67 20.63 8.05
N ILE A 178 2.75 19.99 6.88
CA ILE A 178 4.06 19.83 6.24
C ILE A 178 4.09 20.24 4.78
N GLU A 179 5.28 20.65 4.34
CA GLU A 179 5.55 20.81 2.92
C GLU A 179 6.38 19.60 2.54
N CYS A 180 6.00 18.91 1.46
CA CYS A 180 6.71 17.70 1.06
C CYS A 180 6.65 17.47 -0.44
N ASP A 181 7.73 17.81 -1.14
CA ASP A 181 7.70 17.81 -2.61
C ASP A 181 7.49 16.42 -3.20
N ALA A 182 8.08 15.41 -2.56
CA ALA A 182 7.87 14.05 -3.02
C ALA A 182 6.39 13.64 -2.93
N LEU A 183 5.73 13.94 -1.82
CA LEU A 183 4.31 13.65 -1.68
C LEU A 183 3.51 14.45 -2.69
N HIS A 184 3.86 15.72 -2.85
CA HIS A 184 3.15 16.60 -3.80
C HIS A 184 3.21 16.04 -5.22
N ARG A 185 4.38 15.51 -5.58
CA ARG A 185 4.65 14.92 -6.90
C ARG A 185 3.77 13.74 -7.29
N ILE A 186 3.24 13.02 -6.31
CA ILE A 186 2.45 11.84 -6.59
C ILE A 186 1.02 11.99 -6.12
N SER A 187 0.62 13.22 -5.79
CA SER A 187 -0.72 13.46 -5.31
C SER A 187 -1.37 14.68 -6.00
N SER A 188 -0.70 15.17 -7.04
CA SER A 188 -1.19 16.32 -7.76
C SER A 188 -0.59 16.31 -9.15
N VAL A 189 -1.13 17.15 -10.03
CA VAL A 189 -0.60 17.30 -11.37
C VAL A 189 -0.95 18.70 -11.85
N SER A 190 -0.13 19.24 -12.75
CA SER A 190 -0.43 20.53 -13.36
C SER A 190 -0.47 20.32 -14.87
N GLY A 191 0.63 19.84 -15.44
CA GLY A 191 0.63 19.41 -16.82
C GLY A 191 1.96 18.83 -17.27
N TRP A 192 2.08 18.54 -18.57
CA TRP A 192 3.34 18.13 -19.15
C TRP A 192 3.63 19.11 -20.30
N ARG A 193 4.76 19.81 -20.21
CA ARG A 193 5.09 20.90 -21.14
C ARG A 193 3.92 21.85 -21.31
N ASP A 194 3.50 22.08 -22.55
CA ASP A 194 2.41 23.02 -22.78
C ASP A 194 1.02 22.40 -22.60
N LEU A 195 0.94 21.11 -22.25
CA LEU A 195 -0.36 20.44 -22.14
C LEU A 195 -0.94 20.54 -20.72
N ASP A 196 -2.06 21.25 -20.58
CA ASP A 196 -2.71 21.47 -19.29
C ASP A 196 -3.57 20.26 -18.86
N LEU A 197 -3.33 19.76 -17.66
CA LEU A 197 -4.05 18.59 -17.17
C LEU A 197 -4.74 18.87 -15.83
N LYS A 198 -4.83 20.15 -15.47
CA LYS A 198 -5.23 20.55 -14.11
C LYS A 198 -6.63 20.07 -13.69
N HIS A 199 -7.48 19.70 -14.64
CA HIS A 199 -8.81 19.25 -14.25
C HIS A 199 -8.82 17.85 -13.60
N MET A 200 -7.70 17.14 -13.66
CA MET A 200 -7.57 15.90 -12.89
C MET A 200 -7.54 16.23 -11.41
N MET A 201 -7.25 17.49 -11.07
CA MET A 201 -7.21 17.88 -9.66
C MET A 201 -8.59 17.90 -9.00
N THR A 202 -9.67 17.91 -9.79
CA THR A 202 -11.03 17.87 -9.23
C THR A 202 -11.21 16.67 -8.28
N LEU A 203 -10.50 15.58 -8.56
CA LEU A 203 -10.62 14.33 -7.81
C LEU A 203 -9.59 14.15 -6.69
N GLN A 204 -8.77 15.17 -6.41
CA GLN A 204 -7.73 15.01 -5.37
C GLN A 204 -8.40 14.72 -4.02
N ASP A 205 -7.95 13.65 -3.36
CA ASP A 205 -8.61 13.24 -2.12
C ASP A 205 -8.06 13.99 -0.92
N THR A 206 -8.71 15.11 -0.59
CA THR A 206 -8.30 15.94 0.54
C THR A 206 -9.21 15.71 1.76
N VAL A 207 -9.82 14.53 1.80
CA VAL A 207 -10.69 14.16 2.92
C VAL A 207 -10.10 12.99 3.72
N SER A 208 -9.68 11.95 3.01
CA SER A 208 -9.29 10.72 3.67
C SER A 208 -8.00 10.86 4.45
N ILE A 209 -7.88 10.10 5.53
CA ILE A 209 -6.58 9.87 6.14
C ILE A 209 -5.92 8.69 5.44
N VAL A 210 -4.71 8.88 4.93
CA VAL A 210 -4.03 7.83 4.18
C VAL A 210 -2.69 7.53 4.87
N PHE A 211 -2.31 6.26 5.00
CA PHE A 211 -1.06 5.96 5.71
C PHE A 211 0.07 6.17 4.71
N ALA A 212 1.20 6.70 5.20
CA ALA A 212 2.35 6.97 4.33
C ALA A 212 2.79 5.72 3.54
N LYS A 213 2.80 4.58 4.21
CA LYS A 213 3.07 3.30 3.55
C LYS A 213 2.19 3.10 2.31
N HIS A 214 0.93 3.49 2.38
CA HIS A 214 0.02 3.32 1.25
C HIS A 214 0.43 4.19 0.05
N TYR A 215 1.10 5.31 0.31
CA TYR A 215 1.65 6.11 -0.78
C TYR A 215 2.95 5.50 -1.29
N GLY A 216 3.43 4.46 -0.61
CA GLY A 216 4.70 3.84 -0.96
C GLY A 216 5.87 4.72 -0.54
N ILE A 217 5.61 5.57 0.46
CA ILE A 217 6.59 6.54 0.92
C ILE A 217 6.93 6.33 2.40
N ARG A 218 8.20 6.45 2.75
CA ARG A 218 8.60 6.51 4.16
C ARG A 218 9.05 7.94 4.49
N MET A 219 8.43 8.58 5.49
CA MET A 219 8.65 10.01 5.74
C MET A 219 10.09 10.36 6.07
N ASN A 220 10.72 9.51 6.89
CA ASN A 220 12.14 9.57 7.23
C ASN A 220 13.03 9.64 6.00
N SER A 221 12.57 9.07 4.89
CA SER A 221 13.38 8.94 3.67
C SER A 221 13.25 10.08 2.69
N VAL A 222 12.23 10.91 2.84
CA VAL A 222 12.06 12.01 1.90
C VAL A 222 12.19 13.33 2.60
N ASN A 223 12.50 14.37 1.83
CA ASN A 223 12.60 15.69 2.40
C ASN A 223 11.22 16.32 2.61
N PHE A 224 10.95 16.74 3.85
CA PHE A 224 9.73 17.46 4.15
C PHE A 224 10.00 18.53 5.19
N ARG A 225 9.29 19.64 5.11
CA ARG A 225 9.42 20.70 6.10
C ARG A 225 8.21 20.77 7.02
N ARG A 226 8.44 20.81 8.33
CA ARG A 226 7.33 21.06 9.26
C ARG A 226 7.09 22.56 9.32
N LEU A 227 5.86 22.99 9.09
CA LEU A 227 5.58 24.41 8.96
C LEU A 227 5.07 25.03 10.27
N SER A 228 4.95 24.24 11.32
CA SER A 228 4.57 24.80 12.62
C SER A 228 5.05 23.90 13.74
N ASP A 229 4.79 24.32 14.97
CA ASP A 229 4.96 23.45 16.13
C ASP A 229 3.89 22.37 16.04
N PRO A 230 4.18 21.17 16.61
CA PRO A 230 3.21 20.07 16.70
C PRO A 230 1.90 20.51 17.35
N ILE A 231 0.79 19.98 16.85
CA ILE A 231 -0.52 20.27 17.44
C ILE A 231 -1.00 19.04 18.19
N GLU A 232 -1.31 19.20 19.46
CA GLU A 232 -1.81 18.05 20.21
C GLU A 232 -3.30 17.90 19.95
N LEU A 233 -3.71 16.86 19.22
CA LEU A 233 -5.15 16.72 18.94
C LEU A 233 -5.90 16.25 20.18
N PHE A 234 -5.35 15.26 20.87
CA PHE A 234 -5.95 14.82 22.12
C PHE A 234 -4.97 13.98 22.91
N ARG A 235 -5.37 13.69 24.14
CA ARG A 235 -4.54 12.96 25.09
C ARG A 235 -5.46 11.94 25.73
N VAL A 236 -4.98 10.72 25.96
CA VAL A 236 -5.78 9.73 26.66
C VAL A 236 -5.05 9.04 27.82
N ASP A 237 -5.78 8.77 28.88
CA ASP A 237 -5.32 7.98 30.03
C ASP A 237 -6.17 6.73 29.96
N PHE A 238 -5.54 5.60 29.62
CA PHE A 238 -6.27 4.37 29.38
C PHE A 238 -6.92 3.78 30.63
N SER A 239 -6.57 4.32 31.80
CA SER A 239 -7.22 3.85 33.03
C SER A 239 -8.42 4.71 33.43
N SER A 240 -8.65 5.82 32.72
CA SER A 240 -9.78 6.70 33.07
C SER A 240 -10.53 7.36 31.90
N SER A 241 -9.90 7.51 30.75
CA SER A 241 -10.57 8.11 29.60
C SER A 241 -11.56 7.17 28.92
N ASN A 242 -12.47 7.75 28.13
CA ASN A 242 -13.23 6.99 27.12
C ASN A 242 -13.41 7.85 25.86
N ARG A 243 -13.81 7.22 24.75
CA ARG A 243 -13.85 7.89 23.46
C ARG A 243 -14.69 9.19 23.43
N ASN A 244 -15.73 9.26 24.27
CA ASN A 244 -16.56 10.46 24.32
C ASN A 244 -15.92 11.63 25.06
N ASP A 245 -14.77 11.38 25.72
CA ASP A 245 -14.00 12.48 26.28
C ASP A 245 -13.35 13.33 25.18
N ILE A 246 -13.17 12.72 24.00
CA ILE A 246 -12.67 13.47 22.84
C ILE A 246 -13.87 14.14 22.17
N PRO A 247 -13.86 15.47 22.12
CA PRO A 247 -14.97 16.20 21.49
C PRO A 247 -15.10 15.86 20.01
N ARG A 248 -16.33 15.77 19.51
CA ARG A 248 -16.60 15.49 18.09
C ARG A 248 -15.97 16.54 17.15
N ARG A 249 -15.86 17.77 17.64
CA ARG A 249 -15.28 18.87 16.88
C ARG A 249 -14.42 19.73 17.82
N LYS A 250 -13.16 19.95 17.46
CA LYS A 250 -12.29 20.90 18.20
C LYS A 250 -11.71 21.90 17.20
N HIS A 251 -11.28 23.07 17.69
CA HIS A 251 -10.58 24.03 16.83
C HIS A 251 -9.17 24.26 17.33
N PHE A 252 -8.23 24.42 16.39
CA PHE A 252 -6.84 24.71 16.74
C PHE A 252 -6.32 25.94 16.00
N ASP A 253 -5.67 26.83 16.75
CA ASP A 253 -5.03 28.01 16.18
C ASP A 253 -3.56 27.73 16.07
N VAL A 254 -3.07 27.74 14.84
CA VAL A 254 -1.70 27.33 14.55
C VAL A 254 -0.93 28.56 14.04
N VAL A 255 0.18 28.87 14.69
CA VAL A 255 1.04 29.96 14.19
C VAL A 255 2.11 29.37 13.28
N ALA A 256 2.23 29.93 12.08
CA ALA A 256 3.23 29.45 11.14
C ALA A 256 4.66 29.82 11.59
N LYS A 257 5.53 28.83 11.74
CA LYS A 257 6.92 29.10 12.05
C LYS A 257 7.81 29.09 10.80
N GLU A 258 7.26 28.69 9.66
CA GLU A 258 7.97 28.72 8.39
C GLU A 258 7.02 29.20 7.30
N SER A 259 7.57 29.72 6.21
CA SER A 259 6.75 30.02 5.04
C SER A 259 6.84 28.87 4.03
N GLY A 260 5.72 28.53 3.43
CA GLY A 260 5.68 27.47 2.46
C GLY A 260 4.26 27.02 2.20
N THR A 261 4.12 25.98 1.38
CA THR A 261 2.81 25.40 1.10
C THR A 261 2.61 24.18 1.98
N ALA A 262 1.52 24.17 2.76
CA ALA A 262 1.16 23.01 3.56
C ALA A 262 0.43 22.00 2.68
N HIS A 263 1.19 21.09 2.09
CA HIS A 263 0.64 20.06 1.22
C HIS A 263 -0.28 19.13 1.98
N ALA A 264 0.12 18.82 3.21
CA ALA A 264 -0.57 17.80 3.98
C ALA A 264 -0.47 18.07 5.48
N MET A 265 -1.34 17.41 6.23
CA MET A 265 -1.16 17.27 7.66
C MET A 265 -0.58 15.88 7.90
N LEU A 266 0.51 15.83 8.67
CA LEU A 266 1.15 14.58 9.06
C LEU A 266 0.65 14.21 10.45
N PHE A 267 0.35 12.94 10.68
CA PHE A 267 -0.15 12.55 11.99
C PHE A 267 0.77 11.48 12.56
N TYR A 268 1.10 11.64 13.83
CA TYR A 268 1.92 10.65 14.54
C TYR A 268 1.54 10.71 16.02
N TRP A 269 2.00 9.74 16.81
CA TRP A 269 1.62 9.71 18.21
C TRP A 269 2.73 9.23 19.13
N LYS A 270 2.52 9.44 20.43
CA LYS A 270 3.44 9.00 21.46
C LYS A 270 2.66 8.33 22.58
N VAL A 271 3.11 7.16 22.95
CA VAL A 271 2.47 6.40 24.01
C VAL A 271 3.54 6.27 25.10
N THR A 272 3.18 6.51 26.36
CA THR A 272 4.17 6.48 27.41
C THR A 272 3.66 5.70 28.61
N ASP A 273 4.59 5.21 29.41
CA ASP A 273 4.29 4.63 30.71
C ASP A 273 5.50 4.87 31.59
N ASP A 274 5.31 5.66 32.63
CA ASP A 274 6.42 6.14 33.46
C ASP A 274 7.46 6.82 32.58
N GLU A 275 8.70 6.37 32.62
CA GLU A 275 9.75 7.05 31.86
C GLU A 275 9.88 6.55 30.42
N PHE A 276 9.15 5.49 30.09
CA PHE A 276 9.32 4.84 28.79
C PHE A 276 8.36 5.40 27.74
N VAL A 277 8.85 5.48 26.50
CA VAL A 277 8.13 6.13 25.40
C VAL A 277 8.10 5.25 24.17
N MET A 278 6.96 5.23 23.49
CA MET A 278 6.81 4.55 22.21
C MET A 278 6.26 5.61 21.26
N SER A 279 7.10 6.07 20.32
CA SER A 279 6.74 7.20 19.45
C SER A 279 6.76 6.83 17.96
N THR A 280 5.82 7.37 17.20
CA THR A 280 5.87 7.19 15.74
C THR A 280 6.28 8.46 14.99
N ASP A 281 6.80 9.44 15.71
CA ASP A 281 7.33 10.66 15.09
C ASP A 281 8.47 10.22 14.19
N PRO A 282 8.44 10.64 12.91
CA PRO A 282 9.50 10.25 11.97
C PRO A 282 10.89 10.54 12.53
N GLU A 283 11.04 11.62 13.31
CA GLU A 283 12.34 11.97 13.89
C GLU A 283 12.82 10.92 14.89
N ASP A 284 11.90 10.10 15.39
CA ASP A 284 12.26 9.06 16.34
C ASP A 284 12.43 7.69 15.70
N THR A 285 12.01 7.54 14.45
CA THR A 285 11.98 6.23 13.85
C THR A 285 13.03 6.06 12.75
N VAL A 286 13.94 7.02 12.66
CA VAL A 286 14.95 7.04 11.59
C VAL A 286 15.68 5.70 11.47
N ASN A 287 16.02 5.10 12.60
CA ASN A 287 16.71 3.83 12.54
C ASN A 287 15.83 2.68 13.05
N ASN A 288 14.53 2.84 12.88
CA ASN A 288 13.58 1.77 13.16
C ASN A 288 12.72 1.48 11.92
N PHE A 289 13.31 0.83 10.93
CA PHE A 289 12.60 0.49 9.70
C PHE A 289 11.32 -0.34 9.95
N PRO A 290 11.39 -1.41 10.78
CA PRO A 290 10.16 -2.15 11.08
C PRO A 290 9.03 -1.29 11.64
N ARG A 291 9.31 -0.36 12.54
CA ARG A 291 8.26 0.49 13.09
C ARG A 291 7.61 1.32 11.98
N ASP A 292 8.43 1.83 11.06
CA ASP A 292 7.87 2.60 9.96
C ASP A 292 7.03 1.74 9.03
N MET A 293 7.35 0.44 8.97
CA MET A 293 6.59 -0.46 8.10
C MET A 293 5.31 -0.95 8.77
N GLN A 294 5.29 -1.00 10.11
CA GLN A 294 4.11 -1.51 10.79
C GLN A 294 3.18 -0.39 11.25
N TRP A 295 3.74 0.70 11.78
CA TRP A 295 2.91 1.85 12.15
C TRP A 295 3.04 3.00 11.15
N GLY A 296 4.27 3.39 10.82
CA GLY A 296 4.46 4.56 9.97
C GLY A 296 3.71 5.79 10.48
N GLN A 297 3.27 6.64 9.57
CA GLN A 297 2.54 7.82 9.97
C GLN A 297 1.35 7.94 9.03
N ALA A 298 0.41 8.80 9.37
CA ALA A 298 -0.76 9.06 8.53
C ALA A 298 -0.67 10.46 7.94
N LEU A 299 -1.39 10.68 6.82
CA LEU A 299 -1.32 11.93 6.08
C LEU A 299 -2.72 12.31 5.70
N GLN A 300 -2.97 13.60 5.63
CA GLN A 300 -4.20 14.08 5.00
C GLN A 300 -3.84 15.26 4.11
N LEU A 301 -4.15 15.18 2.82
CA LEU A 301 -3.90 16.30 1.92
C LEU A 301 -4.79 17.49 2.28
N LEU A 302 -4.25 18.70 2.16
CA LEU A 302 -4.98 19.90 2.58
C LEU A 302 -5.50 20.74 1.41
N ASP A 303 -6.78 21.12 1.51
CA ASP A 303 -7.46 21.99 0.55
C ASP A 303 -7.87 23.25 1.35
N ALA A 304 -7.64 24.44 0.79
CA ALA A 304 -7.92 25.69 1.52
C ALA A 304 -9.41 26.10 1.57
N SER A 305 -10.17 25.68 0.56
CA SER A 305 -11.58 26.07 0.42
C SER A 305 -12.39 24.90 -0.09
N ASN A 306 -13.53 25.20 -0.72
CA ASN A 306 -14.28 24.17 -1.43
C ASN A 306 -14.69 24.61 -2.83
N GLY A 307 -13.72 25.07 -3.62
CA GLY A 307 -13.99 25.42 -5.00
C GLY A 307 -14.06 24.17 -5.85
N PRO A 308 -14.42 24.32 -7.13
CA PRO A 308 -14.41 23.18 -8.05
C PRO A 308 -13.03 22.52 -8.17
N LEU A 309 -11.96 23.26 -7.87
CA LEU A 309 -10.60 22.71 -7.83
C LEU A 309 -10.02 22.95 -6.44
N PRO A 310 -9.15 22.05 -5.97
CA PRO A 310 -8.59 22.26 -4.62
C PRO A 310 -7.68 23.49 -4.58
N THR A 311 -7.62 24.15 -3.44
CA THR A 311 -6.80 25.35 -3.29
C THR A 311 -5.66 25.05 -2.33
N PRO A 312 -4.43 25.39 -2.72
CA PRO A 312 -3.28 25.12 -1.85
C PRO A 312 -3.38 25.91 -0.55
N VAL A 313 -3.06 25.29 0.59
CA VAL A 313 -2.94 26.00 1.85
C VAL A 313 -1.55 26.62 1.94
N VAL A 314 -1.45 27.94 1.91
CA VAL A 314 -0.16 28.60 1.93
C VAL A 314 0.12 29.31 3.28
N PHE A 315 1.26 29.01 3.87
CA PHE A 315 1.67 29.62 5.14
C PHE A 315 2.68 30.75 4.95
N THR A 316 2.49 31.83 5.69
CA THR A 316 3.51 32.88 5.81
C THR A 316 3.95 32.90 7.27
N GLU A 317 5.26 32.82 7.51
CA GLU A 317 5.82 32.74 8.87
C GLU A 317 5.23 33.83 9.77
N GLY A 318 4.76 33.41 10.95
CA GLY A 318 4.21 34.34 11.91
C GLY A 318 2.70 34.54 11.85
N LYS A 319 2.06 34.20 10.73
CA LYS A 319 0.59 34.30 10.66
C LYS A 319 -0.09 33.17 11.43
N ASN A 320 -1.32 33.42 11.90
CA ASN A 320 -2.12 32.41 12.57
C ASN A 320 -3.03 31.74 11.56
N TYR A 321 -3.20 30.43 11.70
CA TYR A 321 -4.06 29.65 10.81
C TYR A 321 -4.98 28.80 11.68
N ASN A 322 -6.28 28.88 11.42
CA ASN A 322 -7.26 28.14 12.20
C ASN A 322 -7.72 26.86 11.49
N PHE A 323 -7.57 25.74 12.19
CA PHE A 323 -8.06 24.46 11.69
C PHE A 323 -9.20 23.92 12.54
N GLU A 324 -10.24 23.42 11.87
CA GLU A 324 -11.32 22.73 12.56
C GLU A 324 -11.06 21.24 12.43
N CYS A 325 -11.01 20.55 13.57
CA CYS A 325 -10.83 19.10 13.59
C CYS A 325 -12.14 18.38 13.85
N ASN A 326 -12.62 17.62 12.86
CA ASN A 326 -13.86 16.84 12.99
C ASN A 326 -13.59 15.34 13.13
N PHE A 327 -14.13 14.73 14.17
CA PHE A 327 -13.93 13.29 14.40
C PHE A 327 -15.15 12.50 13.92
N SER A 328 -14.93 11.24 13.55
CA SER A 328 -16.03 10.33 13.30
C SER A 328 -16.65 9.93 14.65
N GLY A 329 -17.82 9.31 14.62
CA GLY A 329 -18.49 8.88 15.83
C GLY A 329 -17.65 8.03 16.76
N ASP A 330 -16.85 7.14 16.20
CA ASP A 330 -16.03 6.25 17.03
C ASP A 330 -14.63 6.78 17.29
N ARG A 331 -14.37 8.01 16.87
CA ARG A 331 -13.07 8.68 17.02
C ARG A 331 -11.90 7.98 16.29
N VAL A 332 -12.19 7.02 15.42
CA VAL A 332 -11.11 6.32 14.70
C VAL A 332 -10.56 7.15 13.52
N ILE A 333 -11.45 7.93 12.92
CA ILE A 333 -11.16 8.76 11.77
C ILE A 333 -11.38 10.23 12.17
N LEU A 334 -10.53 11.11 11.63
CA LEU A 334 -10.69 12.55 11.82
C LEU A 334 -10.36 13.29 10.54
N HIS A 335 -10.65 14.58 10.51
CA HIS A 335 -10.37 15.40 9.34
C HIS A 335 -10.02 16.80 9.80
N MET A 336 -9.02 17.41 9.18
CA MET A 336 -8.61 18.78 9.51
C MET A 336 -8.88 19.72 8.34
N GLN A 337 -9.66 20.77 8.61
CA GLN A 337 -10.04 21.74 7.58
C GLN A 337 -9.64 23.18 7.97
N LEU A 338 -8.85 23.82 7.13
CA LEU A 338 -8.56 25.24 7.32
C LEU A 338 -9.86 26.04 7.36
N CYS A 339 -10.03 26.87 8.39
CA CYS A 339 -11.14 27.83 8.42
C CYS A 339 -10.63 29.19 8.01
N ASP B 6 -22.49 4.04 -2.94
CA ASP B 6 -21.22 3.95 -3.67
C ASP B 6 -20.51 5.30 -3.90
N ALA B 7 -21.29 6.37 -3.86
CA ALA B 7 -20.72 7.71 -3.85
C ALA B 7 -19.81 7.89 -2.64
N PHE B 8 -18.80 8.74 -2.82
CA PHE B 8 -17.82 9.04 -1.78
C PHE B 8 -18.51 9.44 -0.48
N VAL B 9 -19.42 10.40 -0.57
CA VAL B 9 -20.12 10.92 0.62
C VAL B 9 -20.86 9.83 1.42
N ASN B 10 -21.26 8.75 0.74
CA ASN B 10 -22.03 7.69 1.41
C ASN B 10 -21.19 6.79 2.31
N ARG B 11 -19.86 6.88 2.20
CA ARG B 11 -18.98 6.01 2.95
C ARG B 11 -18.31 6.75 4.09
N ILE B 12 -18.58 8.05 4.17
CA ILE B 12 -17.91 8.93 5.13
C ILE B 12 -18.85 9.29 6.28
N ASP B 13 -18.31 9.22 7.50
CA ASP B 13 -19.02 9.69 8.69
C ASP B 13 -19.64 11.08 8.43
N ARG B 14 -20.90 11.20 8.79
CA ARG B 14 -21.65 12.46 8.76
C ARG B 14 -20.88 13.70 9.22
N ASN B 15 -20.02 13.56 10.23
CA ASN B 15 -19.33 14.73 10.79
C ASN B 15 -18.11 15.18 9.97
N ILE B 16 -17.78 14.45 8.92
CA ILE B 16 -16.65 14.85 8.09
C ILE B 16 -17.08 15.52 6.77
N PRO B 17 -16.61 16.75 6.55
CA PRO B 17 -17.02 17.54 5.38
C PRO B 17 -16.38 17.00 4.10
N VAL B 18 -17.20 16.92 3.06
CA VAL B 18 -16.76 16.41 1.76
C VAL B 18 -17.08 17.48 0.74
N PRO B 19 -16.06 18.00 0.02
CA PRO B 19 -16.31 19.07 -0.94
C PRO B 19 -17.20 18.57 -2.07
N ALA B 20 -17.95 19.46 -2.72
CA ALA B 20 -18.91 19.05 -3.73
C ALA B 20 -18.25 18.27 -4.87
N ARG B 21 -17.05 18.69 -5.25
CA ARG B 21 -16.32 18.05 -6.35
C ARG B 21 -16.07 16.56 -6.13
N LEU B 22 -16.11 16.10 -4.88
CA LEU B 22 -15.83 14.69 -4.58
C LEU B 22 -17.09 13.89 -4.23
N ARG B 23 -18.15 14.60 -3.87
CA ARG B 23 -19.34 14.00 -3.24
C ARG B 23 -19.95 12.78 -3.94
N HIS B 24 -20.23 12.93 -5.23
CA HIS B 24 -20.95 11.90 -5.95
C HIS B 24 -20.06 10.89 -6.66
N THR B 25 -18.77 11.19 -6.76
CA THR B 25 -17.87 10.35 -7.53
C THR B 25 -17.62 9.02 -6.79
N PRO B 26 -17.59 7.90 -7.56
CA PRO B 26 -17.47 6.57 -6.95
C PRO B 26 -16.16 6.41 -6.20
N VAL B 27 -16.20 5.77 -5.02
CA VAL B 27 -15.01 5.69 -4.18
C VAL B 27 -13.87 4.91 -4.87
N SER B 28 -14.22 4.06 -5.84
CA SER B 28 -13.21 3.32 -6.60
C SER B 28 -12.40 4.24 -7.52
N LEU B 29 -13.07 5.20 -8.14
CA LEU B 29 -12.40 6.18 -8.98
C LEU B 29 -11.44 7.03 -8.13
N ILE B 30 -11.93 7.58 -7.03
CA ILE B 30 -11.11 8.42 -6.16
C ILE B 30 -9.83 7.72 -5.74
N GLU B 31 -9.99 6.47 -5.30
CA GLU B 31 -8.90 5.63 -4.83
C GLU B 31 -7.85 5.33 -5.91
N ALA B 32 -8.32 4.94 -7.09
CA ALA B 32 -7.40 4.64 -8.17
C ALA B 32 -6.64 5.89 -8.62
N VAL B 33 -7.38 6.95 -8.86
CA VAL B 33 -6.77 8.21 -9.26
C VAL B 33 -5.72 8.70 -8.25
N ASN B 34 -6.08 8.69 -6.97
CA ASN B 34 -5.18 9.21 -5.96
C ASN B 34 -3.99 8.30 -5.70
N ASP B 35 -4.17 7.00 -5.94
CA ASP B 35 -3.09 6.05 -5.74
C ASP B 35 -2.09 6.01 -6.90
N PHE B 36 -2.56 6.03 -8.15
CA PHE B 36 -1.66 5.82 -9.31
C PHE B 36 -1.65 6.92 -10.38
N HIS B 37 -2.79 7.57 -10.61
CA HIS B 37 -2.90 8.45 -11.79
C HIS B 37 -1.97 9.66 -11.75
N TYR B 38 -1.86 10.29 -10.57
CA TYR B 38 -0.98 11.45 -10.41
C TYR B 38 0.48 11.07 -10.64
N ALA B 39 0.91 9.99 -10.00
CA ALA B 39 2.28 9.52 -10.20
C ALA B 39 2.55 9.24 -11.68
N MET B 40 1.54 8.65 -12.34
CA MET B 40 1.59 8.27 -13.74
C MET B 40 1.78 9.50 -14.63
N MET B 41 0.93 10.50 -14.42
CA MET B 41 1.04 11.73 -15.20
C MET B 41 2.35 12.48 -14.93
N ASN B 42 2.92 12.35 -13.73
CA ASN B 42 4.23 12.96 -13.48
C ASN B 42 5.42 12.06 -13.83
N ASP B 43 5.17 10.91 -14.46
CA ASP B 43 6.27 10.08 -14.97
C ASP B 43 6.73 10.73 -16.27
N GLU B 44 7.64 11.68 -16.14
CA GLU B 44 8.08 12.50 -17.27
C GLU B 44 8.72 11.66 -18.38
N GLU B 45 9.43 10.60 -18.02
CA GLU B 45 10.09 9.77 -19.03
C GLU B 45 9.06 8.97 -19.82
N ARG B 46 8.01 8.55 -19.14
CA ARG B 46 6.94 7.81 -19.81
C ARG B 46 6.26 8.70 -20.83
N ASN B 47 5.97 9.95 -20.44
CA ASN B 47 5.38 10.92 -21.37
C ASN B 47 6.29 11.22 -22.56
N ASN B 48 7.58 11.43 -22.28
CA ASN B 48 8.55 11.68 -23.34
C ASN B 48 8.55 10.53 -24.32
N PHE B 49 8.64 9.31 -23.80
CA PHE B 49 8.58 8.08 -24.60
C PHE B 49 7.42 8.12 -25.60
N TYR B 50 6.21 8.34 -25.12
CA TYR B 50 5.07 8.38 -26.02
C TYR B 50 5.16 9.53 -27.03
N TYR B 51 5.62 10.71 -26.59
CA TYR B 51 5.70 11.84 -27.51
C TYR B 51 6.69 11.56 -28.66
N GLU B 52 7.85 11.03 -28.30
CA GLU B 52 8.89 10.75 -29.29
C GLU B 52 8.49 9.62 -30.24
N VAL B 53 7.77 8.62 -29.72
CA VAL B 53 7.33 7.55 -30.61
C VAL B 53 6.27 8.10 -31.58
N LEU B 54 5.24 8.73 -31.02
CA LEU B 54 4.22 9.38 -31.83
C LEU B 54 4.80 10.35 -32.87
N LYS B 55 5.87 11.05 -32.51
CA LYS B 55 6.46 12.03 -33.43
C LYS B 55 6.96 11.36 -34.72
N LYS B 56 7.29 10.07 -34.64
CA LYS B 56 7.74 9.32 -35.83
C LYS B 56 6.61 8.91 -36.79
N HIS B 57 5.36 9.09 -36.38
CA HIS B 57 4.23 8.49 -37.11
C HIS B 57 3.07 9.43 -37.36
N VAL B 58 2.97 10.48 -36.57
CA VAL B 58 1.82 11.35 -36.72
C VAL B 58 2.12 12.41 -37.78
N THR B 59 1.23 12.50 -38.77
CA THR B 59 1.31 13.50 -39.82
C THR B 59 -0.08 14.14 -39.90
N PRO B 60 -0.21 15.25 -40.65
CA PRO B 60 -1.53 15.89 -40.81
C PRO B 60 -2.59 14.96 -41.39
N GLU B 61 -2.17 13.85 -41.99
CA GLU B 61 -3.12 12.94 -42.61
C GLU B 61 -3.56 11.78 -41.70
N THR B 62 -2.92 11.62 -40.54
CA THR B 62 -3.07 10.40 -39.75
C THR B 62 -4.20 10.44 -38.70
N GLY B 63 -5.00 9.39 -38.68
CA GLY B 63 -6.07 9.28 -37.70
C GLY B 63 -5.55 8.40 -36.57
N VAL B 64 -5.89 8.75 -35.33
CA VAL B 64 -5.34 8.08 -34.17
C VAL B 64 -6.44 7.61 -33.21
N LEU B 65 -6.41 6.34 -32.84
CA LEU B 65 -7.31 5.81 -31.82
C LEU B 65 -6.48 5.50 -30.57
N GLU B 66 -6.91 6.00 -29.42
CA GLU B 66 -6.29 5.61 -28.15
C GLU B 66 -7.24 4.80 -27.25
N ILE B 67 -6.71 3.71 -26.67
CA ILE B 67 -7.46 2.94 -25.67
C ILE B 67 -7.06 3.40 -24.28
N GLY B 68 -8.05 3.81 -23.48
CA GLY B 68 -7.77 4.28 -22.14
C GLY B 68 -7.31 5.72 -22.06
N ALA B 69 -8.23 6.64 -22.30
CA ALA B 69 -7.94 8.08 -22.33
C ALA B 69 -7.38 8.65 -21.03
N GLY B 70 -7.94 8.23 -19.90
CA GLY B 70 -7.54 8.80 -18.60
C GLY B 70 -7.74 10.31 -18.62
N SER B 71 -6.66 11.06 -18.40
CA SER B 71 -6.71 12.51 -18.35
C SER B 71 -6.78 13.09 -19.75
N GLY B 72 -6.45 12.26 -20.74
CA GLY B 72 -6.43 12.70 -22.12
C GLY B 72 -5.05 13.02 -22.65
N LEU B 73 -4.04 12.97 -21.77
CA LEU B 73 -2.66 13.36 -22.11
C LEU B 73 -2.12 12.82 -23.46
N LEU B 74 -2.16 11.51 -23.65
CA LEU B 74 -1.62 10.92 -24.88
C LEU B 74 -2.41 11.32 -26.13
N SER B 75 -3.72 11.55 -25.98
CA SER B 75 -4.55 11.97 -27.10
C SER B 75 -4.24 13.41 -27.45
N LEU B 76 -3.97 14.20 -26.41
CA LEU B 76 -3.58 15.59 -26.58
C LEU B 76 -2.23 15.68 -27.30
N MET B 77 -1.33 14.74 -26.99
CA MET B 77 -0.02 14.69 -27.66
C MET B 77 -0.20 14.44 -29.15
N ALA B 78 -1.07 13.50 -29.49
CA ALA B 78 -1.28 13.18 -30.89
C ALA B 78 -1.84 14.40 -31.63
N ALA B 79 -2.76 15.11 -30.99
CA ALA B 79 -3.33 16.34 -31.54
C ALA B 79 -2.26 17.41 -31.72
N LYS B 80 -1.43 17.57 -30.69
CA LYS B 80 -0.35 18.55 -30.71
C LYS B 80 0.62 18.29 -31.89
N LEU B 81 0.87 17.02 -32.19
CA LEU B 81 1.75 16.66 -33.30
C LEU B 81 1.05 16.84 -34.63
N GLY B 82 -0.24 17.20 -34.58
CA GLY B 82 -0.99 17.56 -35.77
C GLY B 82 -1.86 16.49 -36.39
N ALA B 83 -2.29 15.51 -35.61
CA ALA B 83 -3.15 14.44 -36.13
C ALA B 83 -4.43 15.00 -36.78
N LYS B 84 -4.88 14.37 -37.86
CA LYS B 84 -6.14 14.75 -38.51
C LYS B 84 -7.32 14.64 -37.56
N TRP B 85 -7.40 13.51 -36.87
CA TRP B 85 -8.42 13.29 -35.86
C TRP B 85 -7.92 12.30 -34.83
N VAL B 86 -8.42 12.44 -33.61
CA VAL B 86 -8.09 11.52 -32.52
C VAL B 86 -9.40 11.12 -31.83
N VAL B 87 -9.62 9.81 -31.68
CA VAL B 87 -10.70 9.31 -30.83
C VAL B 87 -10.07 8.53 -29.70
N ALA B 88 -10.50 8.80 -28.47
CA ALA B 88 -10.05 8.03 -27.31
C ALA B 88 -11.26 7.45 -26.60
N VAL B 89 -11.12 6.22 -26.12
CA VAL B 89 -12.18 5.61 -25.32
C VAL B 89 -11.73 5.49 -23.88
N GLU B 90 -12.65 5.81 -22.97
CA GLU B 90 -12.39 5.73 -21.53
C GLU B 90 -13.59 5.08 -20.85
N GLY B 91 -13.33 4.00 -20.12
CA GLY B 91 -14.40 3.23 -19.50
C GLY B 91 -15.04 3.89 -18.29
N SER B 92 -14.30 4.77 -17.61
CA SER B 92 -14.86 5.50 -16.48
C SER B 92 -15.59 6.75 -16.98
N GLU B 93 -16.82 6.88 -16.53
CA GLU B 93 -17.68 7.97 -16.96
C GLU B 93 -17.14 9.33 -16.51
N GLU B 94 -16.71 9.42 -15.26
CA GLU B 94 -16.24 10.69 -14.72
C GLU B 94 -14.90 11.07 -15.32
N LEU B 95 -14.02 10.10 -15.48
CA LEU B 95 -12.73 10.33 -16.15
C LEU B 95 -12.92 10.82 -17.58
N ALA B 96 -13.86 10.22 -18.29
CA ALA B 96 -14.22 10.67 -19.64
C ALA B 96 -14.56 12.17 -19.66
N LYS B 97 -15.45 12.58 -18.76
CA LYS B 97 -15.80 14.01 -18.61
C LYS B 97 -14.57 14.89 -18.34
N LEU B 98 -13.69 14.43 -17.46
CA LEU B 98 -12.50 15.20 -17.13
C LEU B 98 -11.56 15.31 -18.33
N ALA B 99 -11.44 14.24 -19.09
CA ALA B 99 -10.58 14.30 -20.29
C ALA B 99 -11.15 15.37 -21.21
N ARG B 100 -12.47 15.42 -21.35
CA ARG B 100 -13.08 16.40 -22.25
C ARG B 100 -12.76 17.81 -21.77
N GLU B 101 -12.77 17.99 -20.45
CA GLU B 101 -12.43 19.28 -19.85
C GLU B 101 -11.01 19.70 -20.22
N ASN B 102 -10.06 18.77 -20.11
CA ASN B 102 -8.67 19.06 -20.43
C ASN B 102 -8.50 19.33 -21.90
N ILE B 103 -9.23 18.57 -22.70
CA ILE B 103 -9.21 18.81 -24.13
C ILE B 103 -9.69 20.23 -24.44
N ARG B 104 -10.78 20.68 -23.80
CA ARG B 104 -11.22 22.07 -23.99
C ARG B 104 -10.19 23.10 -23.49
N ALA B 105 -9.57 22.83 -22.34
CA ALA B 105 -8.59 23.77 -21.76
C ALA B 105 -7.37 23.94 -22.66
N ASN B 106 -7.14 22.95 -23.53
CA ASN B 106 -6.05 23.02 -24.49
C ASN B 106 -6.51 23.39 -25.90
N ASN B 107 -7.76 23.84 -26.03
CA ASN B 107 -8.31 24.25 -27.33
C ASN B 107 -8.16 23.19 -28.41
N MET B 108 -8.49 21.94 -28.10
CA MET B 108 -8.31 20.89 -29.08
C MET B 108 -9.60 20.13 -29.31
N GLU B 109 -10.72 20.78 -29.01
CA GLU B 109 -12.02 20.13 -29.15
C GLU B 109 -12.28 19.73 -30.60
N HIS B 110 -11.64 20.42 -31.54
CA HIS B 110 -11.86 20.14 -32.95
C HIS B 110 -11.11 18.89 -33.40
N GLN B 111 -10.14 18.44 -32.60
CA GLN B 111 -9.27 17.35 -33.05
C GLN B 111 -9.43 16.07 -32.25
N VAL B 112 -9.80 16.20 -30.98
CA VAL B 112 -9.92 15.03 -30.10
C VAL B 112 -11.35 14.87 -29.60
N LYS B 113 -11.89 13.67 -29.79
CA LYS B 113 -13.20 13.29 -29.24
C LYS B 113 -12.96 12.19 -28.20
N VAL B 114 -13.70 12.22 -27.10
CA VAL B 114 -13.57 11.17 -26.09
C VAL B 114 -14.89 10.43 -25.98
N LEU B 115 -14.84 9.11 -26.12
CA LEU B 115 -16.03 8.31 -26.00
C LEU B 115 -16.03 7.56 -24.69
N HIS B 116 -17.18 7.57 -24.01
CA HIS B 116 -17.28 6.83 -22.77
C HIS B 116 -17.77 5.42 -23.03
N MET B 117 -16.87 4.44 -22.86
CA MET B 117 -17.15 3.02 -23.10
C MET B 117 -15.86 2.20 -22.99
N MET B 118 -15.98 0.88 -22.90
CA MET B 118 -14.79 0.03 -22.91
C MET B 118 -14.43 -0.25 -24.37
N SER B 119 -13.16 -0.50 -24.62
CA SER B 119 -12.69 -0.68 -26.01
C SER B 119 -13.38 -1.87 -26.65
N THR B 120 -13.85 -2.81 -25.83
CA THR B 120 -14.55 -3.97 -26.35
C THR B 120 -15.94 -3.63 -26.91
N GLU B 121 -16.45 -2.45 -26.53
CA GLU B 121 -17.73 -1.97 -27.05
C GLU B 121 -17.54 -1.01 -28.22
N LEU B 122 -16.28 -0.69 -28.51
CA LEU B 122 -15.97 0.21 -29.61
C LEU B 122 -16.24 -0.50 -30.94
N LYS B 123 -16.97 0.17 -31.84
CA LYS B 123 -17.29 -0.38 -33.15
C LYS B 123 -16.88 0.61 -34.22
N SER B 124 -16.73 0.15 -35.45
CA SER B 124 -16.18 0.98 -36.53
C SER B 124 -17.00 2.24 -36.85
N LYS B 125 -18.30 2.19 -36.57
CA LYS B 125 -19.22 3.33 -36.73
C LYS B 125 -18.92 4.52 -35.79
N HIS B 126 -18.03 4.30 -34.83
CA HIS B 126 -17.69 5.34 -33.86
C HIS B 126 -16.51 6.15 -34.34
N LEU B 127 -15.90 5.71 -35.44
CA LEU B 127 -14.70 6.36 -35.95
C LEU B 127 -14.95 6.95 -37.32
N PRO B 128 -14.22 8.03 -37.66
CA PRO B 128 -14.25 8.57 -39.02
C PRO B 128 -13.90 7.49 -40.03
N GLU B 129 -12.92 6.66 -39.70
CA GLU B 129 -12.41 5.63 -40.58
C GLU B 129 -11.50 4.79 -39.70
N PRO B 130 -11.01 3.64 -40.18
CA PRO B 130 -9.98 2.96 -39.41
C PRO B 130 -8.75 3.86 -39.22
N PRO B 131 -8.17 3.86 -38.02
CA PRO B 131 -7.05 4.77 -37.69
C PRO B 131 -5.76 4.30 -38.31
N ASP B 132 -4.82 5.22 -38.56
CA ASP B 132 -3.50 4.84 -39.00
C ASP B 132 -2.60 4.50 -37.81
N VAL B 133 -3.03 4.88 -36.60
CA VAL B 133 -2.24 4.65 -35.38
C VAL B 133 -3.13 4.19 -34.22
N LEU B 134 -2.77 3.07 -33.58
CA LEU B 134 -3.42 2.63 -32.35
C LEU B 134 -2.46 2.85 -31.18
N LEU B 135 -2.97 3.49 -30.14
CA LEU B 135 -2.14 3.95 -29.04
C LEU B 135 -2.75 3.50 -27.71
N SER B 136 -1.92 3.01 -26.80
CA SER B 136 -2.41 2.67 -25.47
C SER B 136 -1.28 2.68 -24.46
N GLU B 137 -1.61 3.04 -23.24
CA GLU B 137 -0.71 2.84 -22.11
C GLU B 137 -1.58 2.24 -21.01
N ILE B 138 -1.73 0.92 -21.05
CA ILE B 138 -2.50 0.25 -20.01
C ILE B 138 -1.67 -0.90 -19.43
N PHE B 139 -0.39 -0.60 -19.16
CA PHE B 139 0.49 -1.56 -18.50
C PHE B 139 0.36 -1.48 -16.98
N GLY B 140 0.46 -2.62 -16.32
CA GLY B 140 0.50 -2.64 -14.88
C GLY B 140 1.91 -2.86 -14.36
N THR B 141 2.01 -2.96 -13.04
CA THR B 141 3.24 -3.36 -12.40
C THR B 141 3.74 -4.65 -13.03
N MET B 142 2.83 -5.62 -13.19
CA MET B 142 3.06 -6.68 -14.16
C MET B 142 2.60 -6.09 -15.50
N MET B 143 3.49 -6.27 -16.47
CA MET B 143 3.29 -5.73 -17.80
C MET B 143 1.87 -6.01 -18.30
N LEU B 144 1.43 -7.26 -18.16
CA LEU B 144 0.12 -7.64 -18.65
C LEU B 144 -0.95 -7.62 -17.55
N GLY B 145 -0.60 -7.03 -16.40
CA GLY B 145 -1.47 -6.99 -15.24
C GLY B 145 -2.79 -6.24 -15.39
N GLU B 146 -2.92 -5.42 -16.42
CA GLU B 146 -4.19 -4.74 -16.66
C GLU B 146 -4.76 -5.18 -18.01
N SER B 147 -4.37 -6.38 -18.43
CA SER B 147 -4.90 -7.01 -19.63
C SER B 147 -4.57 -6.25 -20.94
N ALA B 148 -3.40 -5.61 -20.98
CA ALA B 148 -2.95 -4.87 -22.17
C ALA B 148 -3.06 -5.66 -23.48
N LEU B 149 -2.51 -6.88 -23.49
CA LEU B 149 -2.52 -7.70 -24.71
C LEU B 149 -3.95 -8.00 -25.14
N ASP B 150 -4.80 -8.41 -24.18
CA ASP B 150 -6.21 -8.70 -24.46
C ASP B 150 -6.96 -7.54 -25.13
N TYR B 151 -6.91 -6.36 -24.53
CA TYR B 151 -7.61 -5.21 -25.10
C TYR B 151 -7.08 -4.78 -26.47
N VAL B 152 -5.77 -4.88 -26.68
CA VAL B 152 -5.18 -4.51 -27.97
C VAL B 152 -5.59 -5.50 -29.06
N VAL B 153 -5.53 -6.79 -28.73
CA VAL B 153 -5.91 -7.87 -29.64
C VAL B 153 -7.35 -7.72 -30.12
N ASP B 154 -8.27 -7.48 -29.20
CA ASP B 154 -9.65 -7.28 -29.57
C ASP B 154 -9.83 -6.15 -30.60
N VAL B 155 -9.24 -4.99 -30.32
CA VAL B 155 -9.23 -3.87 -31.26
C VAL B 155 -8.52 -4.25 -32.56
N ARG B 156 -7.41 -4.98 -32.44
CA ARG B 156 -6.63 -5.41 -33.60
C ARG B 156 -7.44 -6.33 -34.52
N ASN B 157 -8.23 -7.24 -33.93
CA ASN B 157 -9.15 -8.10 -34.69
C ASN B 157 -10.21 -7.30 -35.46
N ARG B 158 -10.69 -6.19 -34.90
CA ARG B 158 -11.92 -5.59 -35.40
C ARG B 158 -11.83 -4.24 -36.11
N LEU B 159 -10.95 -3.36 -35.67
CA LEU B 159 -11.09 -1.94 -36.05
C LEU B 159 -9.94 -1.38 -36.86
N LEU B 160 -8.86 -2.11 -36.98
CA LEU B 160 -7.68 -1.54 -37.62
C LEU B 160 -7.65 -1.82 -39.12
N LYS B 161 -6.60 -1.35 -39.76
CA LYS B 161 -6.36 -1.68 -41.16
C LYS B 161 -4.95 -2.24 -41.28
N PRO B 162 -4.61 -2.85 -42.44
CA PRO B 162 -3.34 -3.58 -42.51
C PRO B 162 -2.10 -2.71 -42.34
N THR B 163 -2.21 -1.41 -42.53
CA THR B 163 -1.05 -0.53 -42.36
C THR B 163 -1.08 0.26 -41.05
N THR B 164 -2.04 -0.03 -40.18
CA THR B 164 -2.08 0.65 -38.87
C THR B 164 -0.81 0.36 -38.04
N LYS B 165 -0.14 1.42 -37.60
CA LYS B 165 0.97 1.31 -36.64
C LYS B 165 0.44 1.20 -35.21
N ILE B 166 0.87 0.17 -34.49
CA ILE B 166 0.47 0.00 -33.09
C ILE B 166 1.58 0.45 -32.13
N ILE B 167 1.24 1.35 -31.20
CA ILE B 167 2.22 1.90 -30.25
C ILE B 167 1.76 1.59 -28.85
N PRO B 168 2.64 1.00 -28.02
CA PRO B 168 4.00 0.62 -28.41
C PRO B 168 4.00 -0.80 -28.97
N GLN B 169 5.07 -1.14 -29.66
CA GLN B 169 5.15 -2.43 -30.36
C GLN B 169 5.58 -3.66 -29.55
N PHE B 170 6.62 -3.52 -28.73
CA PHE B 170 7.18 -4.67 -28.04
C PHE B 170 7.15 -4.55 -26.53
N GLY B 171 7.02 -5.69 -25.85
CA GLY B 171 7.10 -5.75 -24.40
C GLY B 171 7.76 -7.06 -24.00
N THR B 172 8.57 -7.02 -22.93
CA THR B 172 9.22 -8.20 -22.39
C THR B 172 9.12 -8.21 -20.86
N GLN B 173 8.62 -9.30 -20.29
CA GLN B 173 8.51 -9.41 -18.84
C GLN B 173 9.69 -10.20 -18.28
N TYR B 174 10.37 -9.63 -17.27
CA TYR B 174 11.53 -10.27 -16.67
C TYR B 174 11.31 -10.68 -15.21
N ALA B 175 12.14 -11.63 -14.76
CA ALA B 175 12.19 -12.06 -13.36
C ALA B 175 13.64 -12.28 -12.96
N VAL B 176 13.99 -11.92 -11.73
CA VAL B 176 15.32 -12.20 -11.19
C VAL B 176 15.23 -12.47 -9.68
N PRO B 177 15.83 -13.58 -9.23
CA PRO B 177 15.92 -13.92 -7.81
C PRO B 177 16.82 -12.92 -7.07
N ILE B 178 16.37 -12.46 -5.91
CA ILE B 178 17.15 -11.47 -5.18
C ILE B 178 17.30 -11.83 -3.71
N GLU B 179 18.40 -11.36 -3.14
CA GLU B 179 18.58 -11.39 -1.69
C GLU B 179 18.37 -9.95 -1.22
N CYS B 180 17.54 -9.76 -0.22
CA CYS B 180 17.24 -8.41 0.24
C CYS B 180 16.93 -8.45 1.71
N ASP B 181 17.85 -7.98 2.54
CA ASP B 181 17.70 -8.09 3.98
C ASP B 181 16.54 -7.26 4.48
N ALA B 182 16.41 -6.04 3.95
CA ALA B 182 15.28 -5.17 4.29
C ALA B 182 13.95 -5.89 4.07
N LEU B 183 13.80 -6.56 2.93
CA LEU B 183 12.56 -7.28 2.65
C LEU B 183 12.39 -8.44 3.61
N HIS B 184 13.49 -9.10 3.91
CA HIS B 184 13.45 -10.25 4.80
C HIS B 184 12.97 -9.83 6.21
N ARG B 185 13.37 -8.64 6.64
CA ARG B 185 13.08 -8.19 8.01
C ARG B 185 11.62 -7.90 8.23
N ILE B 186 10.88 -7.69 7.16
CA ILE B 186 9.46 -7.40 7.30
C ILE B 186 8.60 -8.48 6.68
N SER B 187 9.22 -9.59 6.29
CA SER B 187 8.45 -10.69 5.72
C SER B 187 8.69 -12.00 6.45
N SER B 188 9.37 -11.92 7.60
CA SER B 188 9.74 -13.12 8.33
C SER B 188 10.03 -12.82 9.77
N VAL B 189 9.91 -13.85 10.61
CA VAL B 189 10.19 -13.68 12.02
C VAL B 189 11.01 -14.86 12.54
N SER B 190 11.92 -14.57 13.45
CA SER B 190 12.62 -15.61 14.17
C SER B 190 12.10 -15.64 15.59
N GLY B 191 12.29 -14.52 16.26
CA GLY B 191 11.88 -14.37 17.64
C GLY B 191 12.40 -13.05 18.16
N TRP B 192 12.24 -12.83 19.46
CA TRP B 192 12.77 -11.65 20.13
C TRP B 192 13.55 -12.16 21.34
N ARG B 193 14.85 -11.83 21.40
CA ARG B 193 15.72 -12.39 22.43
C ARG B 193 15.60 -13.92 22.52
N ASP B 194 15.25 -14.47 23.68
CA ASP B 194 15.16 -15.92 23.78
C ASP B 194 13.75 -16.48 23.57
N LEU B 195 12.85 -15.61 23.13
CA LEU B 195 11.47 -16.02 22.82
C LEU B 195 11.35 -16.45 21.34
N ASP B 196 11.02 -17.71 21.12
CA ASP B 196 10.86 -18.24 19.77
C ASP B 196 9.47 -17.97 19.23
N LEU B 197 9.38 -17.37 18.05
CA LEU B 197 8.08 -17.08 17.45
C LEU B 197 7.90 -17.80 16.11
N LYS B 198 8.77 -18.77 15.85
CA LYS B 198 8.88 -19.45 14.54
C LYS B 198 7.56 -19.86 13.89
N HIS B 199 6.54 -20.17 14.69
CA HIS B 199 5.33 -20.73 14.11
C HIS B 199 4.46 -19.70 13.38
N MET B 200 4.81 -18.42 13.49
CA MET B 200 4.15 -17.39 12.68
C MET B 200 4.59 -17.53 11.22
N MET B 201 5.72 -18.21 11.01
CA MET B 201 6.19 -18.43 9.65
C MET B 201 5.25 -19.30 8.80
N THR B 202 4.39 -20.08 9.44
CA THR B 202 3.42 -20.90 8.72
C THR B 202 2.56 -20.08 7.76
N LEU B 203 2.32 -18.81 8.09
CA LEU B 203 1.44 -18.02 7.25
C LEU B 203 2.18 -17.15 6.24
N GLN B 204 3.48 -17.37 6.08
CA GLN B 204 4.24 -16.55 5.12
C GLN B 204 3.66 -16.73 3.72
N ASP B 205 3.34 -15.62 3.05
CA ASP B 205 2.68 -15.69 1.74
C ASP B 205 3.72 -15.79 0.64
N THR B 206 4.05 -17.02 0.28
CA THR B 206 5.04 -17.30 -0.74
C THR B 206 4.36 -17.65 -2.07
N VAL B 207 3.08 -17.30 -2.17
CA VAL B 207 2.30 -17.56 -3.38
C VAL B 207 2.02 -16.29 -4.19
N SER B 208 1.53 -15.26 -3.51
CA SER B 208 1.06 -14.04 -4.18
C SER B 208 2.14 -13.21 -4.86
N ILE B 209 1.77 -12.54 -5.95
CA ILE B 209 2.59 -11.47 -6.49
C ILE B 209 2.20 -10.19 -5.75
N VAL B 210 3.17 -9.57 -5.08
CA VAL B 210 2.93 -8.40 -4.26
C VAL B 210 3.78 -7.26 -4.81
N PHE B 211 3.20 -6.08 -4.95
CA PHE B 211 3.94 -4.94 -5.46
C PHE B 211 4.90 -4.44 -4.37
N ALA B 212 6.13 -4.14 -4.76
CA ALA B 212 7.09 -3.56 -3.81
C ALA B 212 6.46 -2.41 -3.00
N LYS B 213 5.71 -1.55 -3.67
CA LYS B 213 5.01 -0.43 -3.03
C LYS B 213 4.13 -0.88 -1.85
N HIS B 214 3.46 -2.02 -2.01
CA HIS B 214 2.59 -2.56 -0.96
C HIS B 214 3.37 -2.99 0.29
N TYR B 215 4.64 -3.35 0.11
CA TYR B 215 5.51 -3.69 1.24
C TYR B 215 6.06 -2.43 1.93
N GLY B 216 5.76 -1.25 1.36
CA GLY B 216 6.25 0.03 1.90
C GLY B 216 7.71 0.30 1.54
N ILE B 217 8.17 -0.32 0.46
CA ILE B 217 9.57 -0.28 0.11
C ILE B 217 9.75 0.14 -1.36
N ARG B 218 10.83 0.88 -1.62
CA ARG B 218 11.24 1.17 -2.98
C ARG B 218 12.53 0.38 -3.25
N MET B 219 12.54 -0.48 -4.27
CA MET B 219 13.70 -1.35 -4.51
C MET B 219 15.01 -0.56 -4.68
N ASN B 220 14.91 0.58 -5.36
CA ASN B 220 16.00 1.56 -5.51
C ASN B 220 16.63 2.06 -4.20
N SER B 221 15.87 2.07 -3.12
CA SER B 221 16.26 2.70 -1.87
C SER B 221 16.82 1.72 -0.86
N VAL B 222 16.77 0.42 -1.17
CA VAL B 222 17.32 -0.58 -0.26
C VAL B 222 18.37 -1.43 -0.96
N ASN B 223 19.29 -1.99 -0.19
CA ASN B 223 20.28 -2.90 -0.74
C ASN B 223 19.64 -4.25 -1.09
N PHE B 224 19.85 -4.69 -2.34
CA PHE B 224 19.49 -6.05 -2.76
C PHE B 224 20.53 -6.56 -3.76
N ARG B 225 20.80 -7.87 -3.73
CA ARG B 225 21.70 -8.52 -4.69
C ARG B 225 20.93 -9.38 -5.66
N ARG B 226 21.23 -9.25 -6.95
CA ARG B 226 20.68 -10.16 -7.98
C ARG B 226 21.54 -11.42 -8.03
N LEU B 227 20.89 -12.58 -7.91
CA LEU B 227 21.65 -13.81 -7.73
C LEU B 227 21.90 -14.57 -9.03
N SER B 228 21.21 -14.19 -10.10
CA SER B 228 21.47 -14.75 -11.42
C SER B 228 21.28 -13.67 -12.47
N ASP B 229 21.54 -14.01 -13.73
CA ASP B 229 21.22 -13.14 -14.85
C ASP B 229 19.69 -13.04 -14.95
N PRO B 230 19.17 -11.97 -15.58
CA PRO B 230 17.72 -11.87 -15.63
C PRO B 230 17.08 -13.02 -16.41
N ILE B 231 15.89 -13.41 -16.00
CA ILE B 231 15.12 -14.45 -16.68
C ILE B 231 14.00 -13.86 -17.53
N GLU B 232 14.01 -14.11 -18.82
CA GLU B 232 12.93 -13.61 -19.66
C GLU B 232 11.71 -14.51 -19.57
N LEU B 233 10.63 -14.05 -18.93
CA LEU B 233 9.45 -14.88 -18.77
C LEU B 233 8.71 -15.06 -20.08
N PHE B 234 8.54 -13.96 -20.81
CA PHE B 234 7.95 -13.97 -22.14
C PHE B 234 8.17 -12.62 -22.83
N ARG B 235 8.04 -12.59 -24.14
CA ARG B 235 8.09 -11.35 -24.90
C ARG B 235 6.82 -11.27 -25.74
N VAL B 236 6.38 -10.06 -26.05
CA VAL B 236 5.20 -9.91 -26.89
C VAL B 236 5.45 -8.86 -27.97
N ASP B 237 4.87 -9.12 -29.14
CA ASP B 237 4.77 -8.12 -30.19
C ASP B 237 3.29 -7.77 -30.21
N PHE B 238 2.96 -6.51 -29.92
CA PHE B 238 1.56 -6.17 -29.80
C PHE B 238 0.80 -6.22 -31.12
N SER B 239 1.51 -6.20 -32.26
CA SER B 239 0.83 -6.31 -33.55
C SER B 239 0.57 -7.75 -34.03
N SER B 240 1.15 -8.76 -33.38
CA SER B 240 0.92 -10.14 -33.82
C SER B 240 0.71 -11.19 -32.72
N SER B 241 1.26 -10.96 -31.53
CA SER B 241 1.10 -11.89 -30.41
C SER B 241 -0.36 -12.06 -29.95
N ASN B 242 -0.65 -13.25 -29.43
CA ASN B 242 -1.92 -13.52 -28.80
C ASN B 242 -1.67 -14.10 -27.42
N ARG B 243 -2.67 -14.02 -26.54
CA ARG B 243 -2.58 -14.60 -25.21
C ARG B 243 -2.00 -16.02 -25.19
N ASN B 244 -2.49 -16.87 -26.08
CA ASN B 244 -2.07 -18.28 -26.07
C ASN B 244 -0.63 -18.49 -26.55
N ASP B 245 0.03 -17.42 -26.96
CA ASP B 245 1.45 -17.51 -27.26
C ASP B 245 2.26 -17.77 -26.00
N ILE B 246 1.70 -17.36 -24.86
CA ILE B 246 2.31 -17.64 -23.58
C ILE B 246 1.76 -18.94 -23.03
N PRO B 247 2.63 -19.94 -22.83
CA PRO B 247 2.22 -21.25 -22.31
C PRO B 247 1.62 -21.12 -20.91
N ARG B 248 0.72 -22.05 -20.54
CA ARG B 248 0.14 -22.08 -19.19
C ARG B 248 1.24 -22.35 -18.16
N ARG B 249 2.32 -22.97 -18.62
CA ARG B 249 3.42 -23.36 -17.76
C ARG B 249 4.73 -23.36 -18.54
N LYS B 250 5.79 -22.84 -17.94
CA LYS B 250 7.11 -22.87 -18.57
C LYS B 250 8.14 -23.25 -17.52
N HIS B 251 9.24 -23.84 -17.95
CA HIS B 251 10.31 -24.13 -17.03
C HIS B 251 11.54 -23.32 -17.34
N PHE B 252 12.18 -22.83 -16.29
CA PHE B 252 13.38 -22.03 -16.46
C PHE B 252 14.50 -22.66 -15.67
N ASP B 253 15.61 -22.93 -16.35
CA ASP B 253 16.81 -23.39 -15.69
C ASP B 253 17.72 -22.17 -15.46
N VAL B 254 17.93 -21.86 -14.18
CA VAL B 254 18.59 -20.62 -13.79
C VAL B 254 19.96 -20.93 -13.18
N VAL B 255 21.00 -20.23 -13.64
CA VAL B 255 22.33 -20.44 -13.10
C VAL B 255 22.69 -19.37 -12.08
N ALA B 256 22.99 -19.81 -10.87
CA ALA B 256 23.39 -18.89 -9.81
C ALA B 256 24.71 -18.20 -10.19
N LYS B 257 24.69 -16.88 -10.29
CA LYS B 257 25.92 -16.13 -10.53
C LYS B 257 26.56 -15.64 -9.22
N GLU B 258 25.81 -15.79 -8.13
CA GLU B 258 26.27 -15.39 -6.80
C GLU B 258 25.76 -16.42 -5.79
N SER B 259 26.45 -16.54 -4.66
CA SER B 259 25.90 -17.33 -3.57
C SER B 259 25.06 -16.42 -2.66
N GLY B 260 23.93 -16.93 -2.17
CA GLY B 260 23.09 -16.12 -1.30
C GLY B 260 21.72 -16.72 -1.15
N THR B 261 20.90 -16.09 -0.30
CA THR B 261 19.54 -16.57 -0.10
C THR B 261 18.61 -15.82 -1.06
N ALA B 262 17.85 -16.57 -1.87
CA ALA B 262 16.89 -15.97 -2.78
C ALA B 262 15.62 -15.75 -2.00
N HIS B 263 15.51 -14.58 -1.36
CA HIS B 263 14.38 -14.28 -0.50
C HIS B 263 13.11 -14.17 -1.33
N ALA B 264 13.30 -13.65 -2.55
CA ALA B 264 12.16 -13.31 -3.40
C ALA B 264 12.54 -13.33 -4.86
N MET B 265 11.53 -13.42 -5.70
CA MET B 265 11.72 -13.20 -7.12
C MET B 265 11.25 -11.77 -7.39
N LEU B 266 12.10 -10.98 -8.03
CA LEU B 266 11.75 -9.62 -8.41
C LEU B 266 11.31 -9.64 -9.86
N PHE B 267 10.21 -8.95 -10.18
CA PHE B 267 9.69 -8.91 -11.54
C PHE B 267 9.69 -7.48 -12.07
N TYR B 268 10.19 -7.30 -13.29
CA TYR B 268 10.16 -5.99 -13.95
C TYR B 268 10.05 -6.21 -15.44
N TRP B 269 9.76 -5.15 -16.20
CA TRP B 269 9.58 -5.30 -17.64
C TRP B 269 10.18 -4.19 -18.49
N LYS B 270 10.22 -4.44 -19.79
CA LYS B 270 10.68 -3.44 -20.75
C LYS B 270 9.75 -3.42 -21.96
N VAL B 271 9.33 -2.21 -22.33
CA VAL B 271 8.47 -1.98 -23.46
C VAL B 271 9.30 -1.11 -24.41
N THR B 272 9.30 -1.44 -25.69
CA THR B 272 10.10 -0.70 -26.66
C THR B 272 9.31 -0.39 -27.92
N ASP B 273 9.69 0.70 -28.58
CA ASP B 273 9.24 0.98 -29.92
C ASP B 273 10.37 1.71 -30.59
N ASP B 274 10.86 1.15 -31.70
CA ASP B 274 12.07 1.67 -32.36
C ASP B 274 13.21 1.81 -31.35
N GLU B 275 13.92 2.93 -31.39
CA GLU B 275 15.05 3.15 -30.46
C GLU B 275 14.61 3.49 -29.04
N PHE B 276 13.30 3.63 -28.81
CA PHE B 276 12.84 4.10 -27.50
C PHE B 276 12.46 3.00 -26.51
N VAL B 277 12.73 3.27 -25.23
CA VAL B 277 12.61 2.27 -24.17
C VAL B 277 11.84 2.81 -22.96
N MET B 278 10.99 1.98 -22.38
CA MET B 278 10.26 2.32 -21.16
C MET B 278 10.45 1.12 -20.24
N SER B 279 11.32 1.26 -19.25
CA SER B 279 11.67 0.13 -18.39
C SER B 279 11.32 0.33 -16.91
N THR B 280 10.98 -0.76 -16.23
CA THR B 280 10.72 -0.68 -14.80
C THR B 280 11.81 -1.36 -13.97
N ASP B 281 12.91 -1.75 -14.63
CA ASP B 281 14.12 -2.23 -13.92
C ASP B 281 14.60 -1.14 -12.96
N PRO B 282 14.73 -1.47 -11.67
CA PRO B 282 15.17 -0.52 -10.65
C PRO B 282 16.38 0.31 -11.07
N GLU B 283 17.33 -0.31 -11.77
CA GLU B 283 18.52 0.41 -12.24
C GLU B 283 18.16 1.58 -13.14
N ASP B 284 17.07 1.42 -13.88
CA ASP B 284 16.62 2.41 -14.85
C ASP B 284 15.67 3.44 -14.23
N THR B 285 15.29 3.24 -12.97
CA THR B 285 14.34 4.15 -12.34
C THR B 285 14.91 4.78 -11.08
N VAL B 286 16.24 4.75 -10.93
CA VAL B 286 16.88 5.35 -9.76
C VAL B 286 16.50 6.83 -9.67
N ASN B 287 16.46 7.50 -10.82
CA ASN B 287 16.10 8.91 -10.84
C ASN B 287 14.66 9.20 -11.32
N ASN B 288 13.78 8.20 -11.20
CA ASN B 288 12.39 8.38 -11.57
C ASN B 288 11.48 7.92 -10.44
N PHE B 289 11.39 8.73 -9.38
CA PHE B 289 10.45 8.46 -8.30
C PHE B 289 8.99 8.19 -8.75
N PRO B 290 8.41 9.06 -9.60
CA PRO B 290 7.01 8.83 -9.99
C PRO B 290 6.78 7.48 -10.69
N ARG B 291 7.67 7.05 -11.57
CA ARG B 291 7.54 5.70 -12.15
C ARG B 291 7.52 4.63 -11.06
N ASP B 292 8.43 4.74 -10.11
CA ASP B 292 8.52 3.74 -9.05
C ASP B 292 7.24 3.71 -8.22
N MET B 293 6.54 4.84 -8.15
CA MET B 293 5.30 4.89 -7.38
C MET B 293 4.08 4.42 -8.17
N GLN B 294 4.10 4.62 -9.49
CA GLN B 294 2.96 4.20 -10.31
C GLN B 294 3.07 2.78 -10.86
N TRP B 295 4.29 2.38 -11.26
CA TRP B 295 4.53 0.99 -11.70
C TRP B 295 5.34 0.21 -10.67
N GLY B 296 6.52 0.73 -10.33
CA GLY B 296 7.38 0.05 -9.39
C GLY B 296 7.73 -1.34 -9.89
N GLN B 297 8.01 -2.26 -8.98
CA GLN B 297 8.26 -3.64 -9.35
C GLN B 297 7.36 -4.53 -8.53
N ALA B 298 7.31 -5.80 -8.91
CA ALA B 298 6.52 -6.77 -8.17
C ALA B 298 7.47 -7.80 -7.55
N LEU B 299 7.02 -8.41 -6.47
CA LEU B 299 7.83 -9.36 -5.73
C LEU B 299 7.02 -10.62 -5.41
N GLN B 300 7.69 -11.78 -5.40
CA GLN B 300 7.10 -13.01 -4.87
C GLN B 300 8.11 -13.69 -3.93
N LEU B 301 7.71 -13.87 -2.67
CA LEU B 301 8.59 -14.52 -1.68
C LEU B 301 8.78 -15.99 -2.09
N LEU B 302 10.00 -16.51 -1.91
CA LEU B 302 10.33 -17.84 -2.42
C LEU B 302 10.37 -18.92 -1.33
N ASP B 303 9.60 -20.00 -1.51
CA ASP B 303 9.62 -21.17 -0.63
C ASP B 303 10.19 -22.35 -1.43
N ALA B 304 11.11 -23.10 -0.81
CA ALA B 304 11.74 -24.22 -1.54
C ALA B 304 10.85 -25.46 -1.63
N SER B 305 10.19 -25.80 -0.53
CA SER B 305 9.37 -27.02 -0.51
C SER B 305 7.96 -26.72 -0.03
N ASN B 306 7.25 -27.76 0.43
CA ASN B 306 5.89 -27.60 0.94
C ASN B 306 5.66 -28.20 2.33
N GLY B 307 6.66 -28.06 3.21
CA GLY B 307 6.55 -28.53 4.58
C GLY B 307 5.71 -27.59 5.40
N PRO B 308 5.56 -27.90 6.70
CA PRO B 308 4.74 -27.12 7.63
C PRO B 308 5.22 -25.68 7.77
N LEU B 309 6.53 -25.44 7.64
CA LEU B 309 7.08 -24.08 7.60
C LEU B 309 7.79 -23.87 6.26
N PRO B 310 7.82 -22.62 5.76
CA PRO B 310 8.53 -22.32 4.52
C PRO B 310 10.01 -22.64 4.66
N THR B 311 10.63 -23.03 3.55
CA THR B 311 12.04 -23.37 3.53
C THR B 311 12.76 -22.38 2.66
N PRO B 312 13.86 -21.81 3.15
CA PRO B 312 14.60 -20.83 2.34
C PRO B 312 15.17 -21.43 1.05
N VAL B 313 15.09 -20.67 -0.03
CA VAL B 313 15.76 -21.02 -1.27
C VAL B 313 17.19 -20.48 -1.19
N VAL B 314 18.17 -21.37 -1.14
CA VAL B 314 19.55 -20.94 -0.99
C VAL B 314 20.36 -21.28 -2.26
N PHE B 315 21.00 -20.25 -2.83
CA PHE B 315 21.77 -20.39 -4.05
C PHE B 315 23.24 -20.57 -3.75
N THR B 316 23.84 -21.61 -4.35
CA THR B 316 25.28 -21.79 -4.35
C THR B 316 25.79 -21.42 -5.73
N GLU B 317 26.71 -20.48 -5.79
CA GLU B 317 27.22 -19.96 -7.06
C GLU B 317 27.70 -21.08 -7.99
N GLY B 318 27.44 -20.92 -9.29
CA GLY B 318 27.80 -21.93 -10.26
C GLY B 318 26.83 -23.08 -10.37
N LYS B 319 25.99 -23.30 -9.36
CA LYS B 319 24.99 -24.36 -9.44
C LYS B 319 23.76 -23.87 -10.22
N ASN B 320 22.96 -24.79 -10.74
CA ASN B 320 21.75 -24.39 -11.45
C ASN B 320 20.46 -24.85 -10.78
N TYR B 321 19.42 -24.04 -10.92
CA TYR B 321 18.17 -24.26 -10.20
C TYR B 321 17.01 -24.19 -11.17
N ASN B 322 16.10 -25.15 -11.06
CA ASN B 322 14.98 -25.27 -11.98
C ASN B 322 13.69 -24.67 -11.41
N PHE B 323 13.14 -23.67 -12.08
CA PHE B 323 11.85 -23.08 -11.65
C PHE B 323 10.68 -23.43 -12.56
N GLU B 324 9.55 -23.78 -11.95
CA GLU B 324 8.31 -23.92 -12.69
C GLU B 324 7.51 -22.62 -12.62
N CYS B 325 7.22 -22.04 -13.79
CA CYS B 325 6.39 -20.85 -13.85
C CYS B 325 4.98 -21.23 -14.27
N ASN B 326 4.02 -21.02 -13.40
CA ASN B 326 2.62 -21.23 -13.75
C ASN B 326 1.87 -19.90 -13.93
N PHE B 327 1.21 -19.74 -15.08
CA PHE B 327 0.38 -18.56 -15.35
C PHE B 327 -1.09 -18.83 -15.14
N SER B 328 -1.84 -17.81 -14.72
CA SER B 328 -3.30 -17.87 -14.69
C SER B 328 -3.85 -17.94 -16.11
N GLY B 329 -5.16 -18.23 -16.23
CA GLY B 329 -5.80 -18.33 -17.53
C GLY B 329 -5.60 -17.11 -18.42
N ASP B 330 -5.81 -15.94 -17.85
CA ASP B 330 -5.68 -14.70 -18.60
C ASP B 330 -4.25 -14.16 -18.64
N ARG B 331 -3.32 -14.88 -18.04
CA ARG B 331 -1.89 -14.53 -18.02
C ARG B 331 -1.59 -13.27 -17.18
N VAL B 332 -2.59 -12.82 -16.42
CA VAL B 332 -2.47 -11.65 -15.57
C VAL B 332 -1.59 -11.96 -14.35
N ILE B 333 -1.72 -13.18 -13.86
CA ILE B 333 -1.04 -13.65 -12.66
C ILE B 333 -0.06 -14.76 -13.01
N LEU B 334 1.06 -14.84 -12.30
CA LEU B 334 1.96 -15.97 -12.43
C LEU B 334 2.58 -16.34 -11.08
N HIS B 335 3.30 -17.46 -11.05
CA HIS B 335 3.93 -17.95 -9.83
C HIS B 335 5.19 -18.74 -10.17
N MET B 336 6.31 -18.36 -9.55
CA MET B 336 7.58 -19.06 -9.71
C MET B 336 7.83 -20.02 -8.53
N GLN B 337 8.00 -21.30 -8.84
CA GLN B 337 8.24 -22.30 -7.81
C GLN B 337 9.52 -23.08 -8.11
N LEU B 338 10.47 -23.05 -7.18
CA LEU B 338 11.65 -23.90 -7.29
C LEU B 338 11.23 -25.38 -7.27
N CYS B 339 11.72 -26.15 -8.24
CA CYS B 339 11.50 -27.60 -8.24
C CYS B 339 12.70 -28.26 -7.58
N SER C 1 -1.40 -1.82 4.69
CA SER C 1 -0.42 -0.74 4.68
C SER C 1 -0.19 -0.18 6.09
N GLY C 2 0.06 -1.07 7.04
CA GLY C 2 0.14 -0.64 8.43
C GLY C 2 -1.23 -0.77 9.03
N ARG C 3 -1.50 0.00 10.07
CA ARG C 3 -2.50 -0.43 11.04
C ARG C 3 -3.71 0.48 11.30
N GLY C 4 -4.89 -0.11 11.29
CA GLY C 4 -6.13 0.63 11.41
C GLY C 4 -7.10 -0.01 10.43
N ARG D 3 -1.48 -0.96 -9.81
CA ARG D 3 -1.42 -1.17 -11.26
C ARG D 3 -1.09 -2.62 -11.65
N GLY D 4 -2.12 -3.47 -11.78
CA GLY D 4 -1.97 -4.86 -12.24
C GLY D 4 -0.70 -5.61 -11.87
#